data_4Y55
#
_entry.id   4Y55
#
_cell.length_a   54.012
_cell.length_b   80.047
_cell.length_c   76.800
_cell.angle_alpha   90.000
_cell.angle_beta   102.640
_cell.angle_gamma   90.000
#
_symmetry.space_group_name_H-M   'P 1 21 1'
#
loop_
_entity.id
_entity.type
_entity.pdbx_description
1 polymer Lactoperoxidase
2 branched beta-D-mannopyranose-(1-4)-2-acetamido-2-deoxy-beta-D-glucopyranose-(1-4)-2-acetamido-2-deoxy-beta-D-glucopyranose
3 branched 2-acetamido-2-deoxy-beta-D-glucopyranose-(1-4)-2-acetamido-2-deoxy-beta-D-glucopyranose
4 branched alpha-D-mannopyranose-(1-4)-2-acetamido-2-deoxy-beta-D-glucopyranose-(1-4)-2-acetamido-2-deoxy-beta-D-glucopyranose
5 non-polymer 'CALCIUM ION'
6 non-polymer 'IODIDE ION'
7 non-polymer 'NITRATE ION'
8 non-polymer 'PROTOPORPHYRIN IX CONTAINING FE'
9 non-polymer 'THIOCYANATE ION'
10 water water
#
_entity_poly.entity_id   1
_entity_poly.type   'polypeptide(L)'
_entity_poly.pdbx_seq_one_letter_code
;SWEVGCGAPVPLVKCDENSPYRTITGDCNNRRSPALGAANRALARWLPAEYEDGLALPFGWTQRKTRNGFRVPLAREVSN
KIVGYLDEDGVLDQNRSLLFMQWGQIVDHDLDFAPETELGSNEHSKTQCEEYCIQGDNCFPIMFPKNDPKLKTQGKCMPF
FRAGFVCPTPPYQSLAREQINAVTSFLDASLVYGSEP(SEP)LASRLQNLSSPLGLMAVNQEAWDHGLAYLPFNNRKPSP
CEFINTTARVPCFLAGDFRASEQILLATAHTLLLREHNRLARELKKLNPQWDGEKLYQEARKILGAFVQIITFRDYLPIV
LGSEMQKWIPPYQGYNNSVDPRISNVFTFAFRFGHMEVPSTVSRLDENYQPWGPEAELPLHTLFFNTWRIIKDGGIDPLV
RGLLAKKSKLMNQDKMVTSELRNKLFQPTHKIHGFDLAAINLQRCRDHGMPGYNSWRGFCGLSQPKTLKGLQTVLKNKIL
AKKLMDLYKTPDNIDIWIGGNAEPMVERGRVGPLLACLLGRQFQQIRDGDRFWWENPGVFTEKQRDSLQKMSFSRLICDN
THITKVPLHAFQANNYPHDFVDCSAVDKLDLSPWASREN
;
_entity_poly.pdbx_strand_id   A
#
loop_
_chem_comp.id
_chem_comp.type
_chem_comp.name
_chem_comp.formula
BMA D-saccharide, beta linking beta-D-mannopyranose 'C6 H12 O6'
CA non-polymer 'CALCIUM ION' 'Ca 2'
HEM non-polymer 'PROTOPORPHYRIN IX CONTAINING FE' 'C34 H32 Fe N4 O4'
IOD non-polymer 'IODIDE ION' 'I -1'
MAN D-saccharide, alpha linking alpha-D-mannopyranose 'C6 H12 O6'
NAG D-saccharide, beta linking 2-acetamido-2-deoxy-beta-D-glucopyranose 'C8 H15 N O6'
NO3 non-polymer 'NITRATE ION' 'N O3 -1'
SCN non-polymer 'THIOCYANATE ION' 'C N S -1'
#
# COMPACT_ATOMS: atom_id res chain seq x y z
N SER A 1 -35.66 2.65 -3.31
CA SER A 1 -34.98 3.61 -2.45
C SER A 1 -33.59 3.94 -2.98
N TRP A 2 -32.97 4.98 -2.42
CA TRP A 2 -31.64 5.40 -2.84
C TRP A 2 -31.28 6.77 -2.30
N GLU A 3 -29.98 7.07 -2.26
CA GLU A 3 -29.50 8.35 -1.77
C GLU A 3 -28.27 8.85 -2.57
N VAL A 4 -28.39 9.91 -3.38
CA VAL A 4 -27.25 10.35 -4.20
C VAL A 4 -26.52 11.50 -3.52
N GLY A 5 -27.30 12.32 -2.80
CA GLY A 5 -26.78 13.51 -2.17
C GLY A 5 -25.40 13.34 -1.56
N CYS A 6 -25.31 12.62 -0.43
CA CYS A 6 -24.20 12.85 0.51
C CYS A 6 -22.81 12.94 -0.13
N GLY A 7 -22.28 14.16 -0.07
CA GLY A 7 -20.88 14.50 -0.37
C GLY A 7 -20.54 15.85 0.25
N ALA A 8 -20.80 16.00 1.56
CA ALA A 8 -20.81 17.31 2.23
C ALA A 8 -19.43 17.86 2.60
N PRO A 9 -18.57 17.06 3.28
CA PRO A 9 -17.19 17.50 3.46
C PRO A 9 -16.35 17.48 2.17
N VAL A 10 -16.67 18.34 1.20
CA VAL A 10 -15.86 18.51 -0.03
C VAL A 10 -15.89 19.98 -0.54
N PRO A 11 -14.71 20.62 -0.62
CA PRO A 11 -14.58 21.86 -1.40
C PRO A 11 -14.59 21.57 -2.92
N LEU A 12 -15.69 21.91 -3.58
CA LEU A 12 -15.90 21.61 -5.00
C LEU A 12 -15.35 22.75 -5.87
N VAL A 13 -14.15 22.57 -6.42
CA VAL A 13 -13.43 23.64 -7.17
C VAL A 13 -13.59 23.56 -8.69
N LYS A 14 -13.03 24.55 -9.39
CA LYS A 14 -13.15 24.63 -10.83
C LYS A 14 -12.33 23.54 -11.45
N CYS A 15 -12.75 23.12 -12.62
CA CYS A 15 -11.98 22.20 -13.41
C CYS A 15 -11.52 22.97 -14.63
N ASP A 16 -10.23 23.29 -14.66
CA ASP A 16 -9.64 23.93 -15.84
C ASP A 16 -9.54 22.92 -16.98
N GLU A 17 -10.66 22.75 -17.68
CA GLU A 17 -10.75 21.79 -18.77
C GLU A 17 -9.56 21.90 -19.70
N ASN A 18 -9.15 20.78 -20.27
CA ASN A 18 -8.03 20.75 -21.18
C ASN A 18 -6.69 20.85 -20.45
N SER A 19 -6.72 21.24 -19.19
CA SER A 19 -5.49 21.35 -18.42
C SER A 19 -4.76 20.08 -18.85
N PRO A 20 -3.44 20.14 -18.92
CA PRO A 20 -2.70 18.94 -19.29
C PRO A 20 -2.09 18.24 -18.07
N TYR A 21 -2.39 18.74 -16.88
CA TYR A 21 -1.88 18.15 -15.65
C TYR A 21 -3.03 17.71 -14.73
N ARG A 22 -2.83 16.56 -14.10
CA ARG A 22 -3.71 16.11 -13.04
C ARG A 22 -3.75 17.16 -11.94
N THR A 23 -4.88 17.34 -11.31
CA THR A 23 -4.89 17.97 -9.99
C THR A 23 -4.19 17.08 -8.92
N ILE A 24 -3.90 17.71 -7.80
CA ILE A 24 -3.39 17.06 -6.61
C ILE A 24 -4.46 16.21 -5.98
N THR A 25 -5.70 16.71 -5.86
CA THR A 25 -6.75 15.94 -5.24
C THR A 25 -7.34 14.81 -6.09
N GLY A 26 -7.07 14.81 -7.39
CA GLY A 26 -7.73 13.88 -8.29
C GLY A 26 -9.09 14.33 -8.83
N ASP A 27 -9.58 15.47 -8.37
CA ASP A 27 -10.78 15.98 -8.96
C ASP A 27 -10.48 16.31 -10.41
N CYS A 28 -11.53 16.27 -11.22
CA CYS A 28 -11.51 16.79 -12.61
C CYS A 28 -10.90 15.80 -13.54
N ASN A 29 -10.70 14.58 -13.09
CA ASN A 29 -10.16 13.57 -13.99
C ASN A 29 -11.31 13.24 -14.92
N ASN A 30 -12.44 12.88 -14.33
CA ASN A 30 -13.60 12.46 -15.08
C ASN A 30 -14.47 13.68 -15.24
N ARG A 31 -14.93 13.91 -16.46
CA ARG A 31 -15.60 15.18 -16.77
C ARG A 31 -17.07 15.21 -16.41
N ARG A 32 -17.76 14.09 -16.66
CA ARG A 32 -19.17 13.92 -16.29
C ARG A 32 -19.32 14.08 -14.80
N SER A 33 -18.41 13.47 -14.03
CA SER A 33 -18.55 13.50 -12.59
C SER A 33 -17.18 13.68 -11.97
N PRO A 34 -16.74 14.93 -11.88
CA PRO A 34 -15.34 15.19 -11.57
C PRO A 34 -14.87 14.90 -10.13
N ALA A 35 -15.77 14.48 -9.25
CA ALA A 35 -15.35 13.97 -7.94
C ALA A 35 -14.91 12.47 -8.02
N LEU A 36 -15.10 11.82 -9.16
CA LEU A 36 -14.74 10.40 -9.31
C LEU A 36 -13.24 10.08 -9.21
N GLY A 37 -12.87 9.38 -8.13
CA GLY A 37 -11.51 8.88 -7.99
C GLY A 37 -10.65 9.89 -7.28
N ALA A 38 -11.28 11.00 -6.90
CA ALA A 38 -10.71 11.97 -5.95
C ALA A 38 -10.57 11.45 -4.53
N ALA A 39 -9.51 11.90 -3.94
CA ALA A 39 -9.24 11.67 -2.56
C ALA A 39 -10.32 12.23 -1.65
N ASN A 40 -10.26 11.85 -0.40
CA ASN A 40 -11.13 12.33 0.65
C ASN A 40 -12.61 12.15 0.54
N ARG A 41 -12.99 11.22 -0.28
CA ARG A 41 -14.37 10.80 -0.56
C ARG A 41 -14.63 9.30 -0.17
N ALA A 42 -15.88 8.88 -0.23
CA ALA A 42 -16.26 7.54 0.21
C ALA A 42 -15.83 6.46 -0.79
N LEU A 43 -15.00 5.53 -0.32
CA LEU A 43 -14.56 4.41 -1.15
C LEU A 43 -15.77 3.79 -1.82
N ALA A 44 -15.55 3.09 -2.93
CA ALA A 44 -16.65 2.47 -3.67
C ALA A 44 -17.14 1.17 -3.02
N ARG A 45 -18.45 0.91 -3.11
CA ARG A 45 -19.01 -0.37 -2.66
C ARG A 45 -19.31 -1.19 -3.85
N TRP A 46 -18.54 -2.25 -4.10
CA TRP A 46 -18.93 -3.15 -5.22
C TRP A 46 -20.17 -3.96 -4.77
N LEU A 47 -20.30 -4.17 -3.48
CA LEU A 47 -21.32 -5.04 -2.94
C LEU A 47 -21.81 -4.30 -1.72
N PRO A 48 -23.14 -4.33 -1.51
CA PRO A 48 -23.63 -3.57 -0.35
C PRO A 48 -22.90 -3.98 0.92
N ALA A 49 -22.79 -3.08 1.87
CA ALA A 49 -21.99 -3.32 3.06
C ALA A 49 -22.73 -4.24 4.03
N GLU A 50 -22.00 -4.87 4.92
CA GLU A 50 -22.60 -5.86 5.75
C GLU A 50 -22.17 -5.61 7.14
N TYR A 51 -23.11 -5.07 7.90
CA TYR A 51 -22.91 -4.77 9.28
C TYR A 51 -23.93 -5.54 10.12
N GLU A 52 -23.54 -5.82 11.35
CA GLU A 52 -24.37 -6.43 12.39
C GLU A 52 -25.78 -5.79 12.48
N ASP A 53 -25.84 -4.47 12.51
CA ASP A 53 -27.10 -3.75 12.69
C ASP A 53 -27.66 -3.20 11.37
N GLY A 54 -27.21 -3.75 10.23
CA GLY A 54 -27.50 -3.20 8.92
C GLY A 54 -26.75 -1.91 8.51
N LEU A 55 -26.21 -1.16 9.46
CA LEU A 55 -25.85 0.26 9.20
C LEU A 55 -24.35 0.27 9.42
N ALA A 56 -23.95 0.46 10.67
CA ALA A 56 -22.56 0.71 10.98
C ALA A 56 -21.77 -0.22 11.91
N LEU A 57 -22.22 -1.30 12.67
CA LEU A 57 -21.49 -2.04 13.67
C LEU A 57 -20.84 -3.23 13.01
N PRO A 58 -19.53 -3.38 13.23
CA PRO A 58 -18.78 -4.47 12.61
C PRO A 58 -19.07 -5.83 13.25
N PHE A 59 -19.60 -6.77 12.49
CA PHE A 59 -19.86 -8.09 13.01
C PHE A 59 -18.88 -8.58 14.04
N GLY A 60 -19.35 -8.93 15.20
CA GLY A 60 -18.43 -9.23 16.25
C GLY A 60 -18.51 -8.21 17.36
N TRP A 61 -19.29 -7.17 17.16
CA TRP A 61 -19.40 -6.08 18.14
C TRP A 61 -20.26 -6.55 19.28
N THR A 62 -21.35 -7.20 18.92
CA THR A 62 -22.32 -7.67 19.91
C THR A 62 -22.18 -9.16 20.05
N GLN A 63 -21.92 -9.56 21.28
CA GLN A 63 -21.78 -10.96 21.63
C GLN A 63 -23.09 -11.73 21.49
N ARG A 64 -24.23 -11.04 21.37
CA ARG A 64 -25.44 -11.83 21.26
C ARG A 64 -26.02 -11.74 19.85
N LYS A 65 -25.14 -11.48 18.90
CA LYS A 65 -25.48 -11.33 17.50
C LYS A 65 -24.60 -12.23 16.63
N THR A 66 -25.19 -13.26 16.11
CA THR A 66 -24.46 -14.16 15.29
C THR A 66 -24.33 -13.61 13.86
N ARG A 67 -23.54 -14.30 13.04
CA ARG A 67 -23.52 -14.00 11.64
C ARG A 67 -23.97 -15.25 11.07
N ASN A 68 -25.10 -15.21 10.35
CA ASN A 68 -25.65 -16.44 9.82
C ASN A 68 -25.84 -17.56 10.88
N GLY A 69 -26.07 -17.16 12.12
CA GLY A 69 -26.47 -18.09 13.17
C GLY A 69 -25.24 -18.63 13.92
N PHE A 70 -24.07 -18.01 13.71
CA PHE A 70 -22.82 -18.45 14.35
C PHE A 70 -22.09 -17.23 14.81
N ARG A 71 -21.41 -17.34 15.95
CA ARG A 71 -20.62 -16.22 16.42
C ARG A 71 -19.41 -16.17 15.52
N VAL A 72 -18.94 -14.98 15.22
CA VAL A 72 -17.68 -14.83 14.54
C VAL A 72 -16.53 -14.95 15.54
N PRO A 73 -15.47 -15.61 15.09
CA PRO A 73 -14.37 -15.90 15.99
C PRO A 73 -13.57 -14.66 16.20
N LEU A 74 -12.89 -14.53 17.35
CA LEU A 74 -11.98 -13.39 17.62
C LEU A 74 -10.88 -13.33 16.56
N ALA A 75 -10.54 -12.13 16.16
CA ALA A 75 -9.56 -11.91 15.14
C ALA A 75 -8.18 -12.47 15.58
N ARG A 76 -7.79 -12.22 16.81
CA ARG A 76 -6.50 -12.69 17.34
C ARG A 76 -6.41 -14.21 17.40
N GLU A 77 -7.54 -14.84 17.67
CA GLU A 77 -7.64 -16.27 17.68
C GLU A 77 -7.53 -16.86 16.31
N VAL A 78 -8.08 -16.20 15.28
CA VAL A 78 -7.82 -16.67 13.91
C VAL A 78 -6.33 -16.50 13.62
N SER A 79 -5.76 -15.36 14.00
CA SER A 79 -4.34 -15.13 13.82
C SER A 79 -3.50 -16.27 14.41
N ASN A 80 -3.68 -16.51 15.71
CA ASN A 80 -2.91 -17.56 16.42
C ASN A 80 -3.04 -18.90 15.80
N LYS A 81 -4.24 -19.27 15.38
CA LYS A 81 -4.45 -20.65 14.95
C LYS A 81 -4.20 -20.87 13.51
N ILE A 82 -4.29 -19.84 12.70
CA ILE A 82 -4.17 -20.10 11.31
C ILE A 82 -2.97 -19.41 10.70
N VAL A 83 -2.67 -18.21 11.16
CA VAL A 83 -1.84 -17.28 10.41
C VAL A 83 -0.36 -17.37 10.77
N GLY A 84 -0.12 -17.85 11.98
CA GLY A 84 1.18 -17.79 12.59
C GLY A 84 1.99 -19.03 12.31
N TYR A 85 3.29 -18.89 12.45
CA TYR A 85 4.21 -20.03 12.33
C TYR A 85 5.56 -19.67 12.99
N LEU A 86 6.38 -20.69 13.26
CA LEU A 86 7.59 -20.53 14.05
C LEU A 86 8.84 -20.46 13.21
N ASP A 87 8.92 -21.33 12.23
CA ASP A 87 10.17 -21.64 11.54
C ASP A 87 10.22 -20.79 10.31
N GLU A 88 11.14 -19.84 10.30
CA GLU A 88 11.36 -19.02 9.13
C GLU A 88 12.23 -19.69 8.05
N ASP A 89 12.82 -20.83 8.36
CA ASP A 89 13.54 -21.59 7.31
C ASP A 89 12.55 -22.01 6.23
N GLY A 90 12.97 -21.93 4.97
CA GLY A 90 12.18 -22.51 3.87
C GLY A 90 11.10 -21.59 3.32
N VAL A 91 10.93 -20.43 3.92
CA VAL A 91 9.90 -19.48 3.50
C VAL A 91 10.51 -18.29 2.76
N LEU A 92 11.16 -18.57 1.63
CA LEU A 92 11.76 -17.52 0.81
C LEU A 92 11.41 -17.73 -0.65
N ASP A 93 10.58 -16.85 -1.19
CA ASP A 93 10.13 -16.98 -2.59
C ASP A 93 11.35 -17.07 -3.46
N GLN A 94 11.59 -18.26 -3.96
CA GLN A 94 12.67 -18.53 -4.88
C GLN A 94 12.65 -17.67 -6.11
N ASN A 95 11.49 -17.20 -6.57
CA ASN A 95 11.51 -16.40 -7.80
C ASN A 95 10.92 -14.99 -7.69
N ARG A 96 11.07 -14.39 -6.54
CA ARG A 96 10.68 -12.99 -6.38
C ARG A 96 11.62 -12.21 -5.49
N SER A 97 12.14 -11.09 -6.00
CA SER A 97 13.04 -10.24 -5.24
C SER A 97 12.25 -9.60 -4.13
N LEU A 98 12.97 -9.03 -3.17
CA LEU A 98 12.31 -8.34 -2.06
C LEU A 98 11.66 -7.03 -2.57
N LEU A 99 12.17 -6.51 -3.68
CA LEU A 99 11.56 -5.39 -4.35
C LEU A 99 10.11 -5.66 -4.67
N PHE A 100 9.77 -6.92 -4.96
CA PHE A 100 8.41 -7.36 -5.34
C PHE A 100 7.48 -7.08 -4.21
N MET A 101 7.88 -7.41 -2.98
CA MET A 101 7.06 -7.07 -1.83
C MET A 101 6.97 -5.56 -1.76
N GLN A 102 8.10 -4.89 -1.89
CA GLN A 102 8.12 -3.45 -1.62
C GLN A 102 7.33 -2.55 -2.61
N TRP A 103 7.33 -2.91 -3.90
CA TRP A 103 6.57 -2.16 -4.90
C TRP A 103 5.06 -2.26 -4.61
N GLY A 104 4.63 -3.45 -4.25
CA GLY A 104 3.27 -3.63 -3.93
C GLY A 104 2.84 -2.64 -2.89
N GLN A 105 3.69 -2.38 -1.89
CA GLN A 105 3.29 -1.54 -0.74
C GLN A 105 3.23 -0.10 -1.20
N ILE A 106 4.12 0.19 -2.14
CA ILE A 106 4.15 1.48 -2.84
C ILE A 106 2.92 1.70 -3.67
N VAL A 107 2.63 0.76 -4.55
CA VAL A 107 1.37 0.86 -5.27
C VAL A 107 0.18 0.97 -4.32
N ASP A 108 0.06 0.09 -3.32
CA ASP A 108 -1.07 0.18 -2.36
C ASP A 108 -1.16 1.59 -1.87
N HIS A 109 0.00 2.20 -1.60
CA HIS A 109 -0.02 3.43 -0.85
C HIS A 109 -0.47 4.57 -1.75
N ASP A 110 -0.14 4.46 -3.02
CA ASP A 110 -0.63 5.41 -4.04
C ASP A 110 -2.19 5.38 -4.15
N LEU A 111 -2.78 4.22 -3.87
CA LEU A 111 -4.14 3.98 -4.26
C LEU A 111 -5.10 4.15 -3.16
N ASP A 112 -4.80 3.71 -1.94
CA ASP A 112 -5.77 3.81 -0.86
C ASP A 112 -5.20 4.04 0.52
N PHE A 113 -5.94 4.82 1.31
CA PHE A 113 -5.67 4.97 2.72
C PHE A 113 -7.00 5.33 3.39
N ALA A 114 -7.41 4.50 4.35
CA ALA A 114 -8.58 4.73 5.17
C ALA A 114 -8.04 4.99 6.56
N PRO A 115 -7.66 6.26 6.86
CA PRO A 115 -7.27 6.79 8.18
C PRO A 115 -8.21 6.43 9.32
N GLU A 116 -7.62 5.97 10.44
CA GLU A 116 -8.36 5.87 11.71
C GLU A 116 -9.16 7.12 12.01
N THR A 117 -10.37 6.95 12.54
CA THR A 117 -11.15 8.07 13.04
C THR A 117 -10.30 8.79 14.09
N GLU A 118 -10.28 10.11 14.04
CA GLU A 118 -9.63 10.88 15.10
C GLU A 118 -10.24 11.90 16.09
N LEU A 119 -11.50 11.73 16.47
CA LEU A 119 -12.22 12.70 17.31
C LEU A 119 -11.43 13.28 18.50
N GLY A 120 -10.41 12.55 18.96
CA GLY A 120 -9.54 13.06 20.03
C GLY A 120 -8.04 12.86 20.07
N SER A 121 -7.28 13.96 20.13
CA SER A 121 -5.88 13.94 20.56
C SER A 121 -5.85 13.88 22.10
N ASN A 122 -6.15 15.01 22.75
CA ASN A 122 -6.39 15.07 24.21
C ASN A 122 -7.86 14.72 24.52
N GLU A 123 -8.18 13.44 24.33
CA GLU A 123 -9.50 12.86 24.56
C GLU A 123 -9.27 11.40 24.95
N HIS A 124 -10.09 10.89 25.87
CA HIS A 124 -9.84 9.60 26.52
C HIS A 124 -10.50 8.40 25.86
N SER A 125 -10.93 8.56 24.61
CA SER A 125 -11.32 7.43 23.78
C SER A 125 -10.09 6.57 23.45
N LYS A 126 -8.91 7.20 23.51
CA LYS A 126 -7.60 6.56 23.21
C LYS A 126 -7.03 5.81 24.43
N THR A 127 -7.12 6.45 25.58
CA THR A 127 -6.48 6.01 26.80
C THR A 127 -7.33 4.95 27.43
N GLN A 128 -8.61 5.27 27.62
CA GLN A 128 -9.60 4.30 28.08
C GLN A 128 -9.67 3.04 27.18
N CYS A 129 -9.49 3.22 25.86
CA CYS A 129 -9.44 2.10 24.89
C CYS A 129 -8.20 1.23 25.13
N GLU A 130 -7.07 1.89 25.31
CA GLU A 130 -5.78 1.21 25.47
C GLU A 130 -5.66 0.58 26.85
N GLU A 131 -6.03 1.36 27.86
CA GLU A 131 -5.86 0.95 29.27
C GLU A 131 -6.81 -0.14 29.71
N TYR A 132 -8.08 0.05 29.41
CA TYR A 132 -9.09 -0.78 30.02
C TYR A 132 -9.85 -1.64 29.03
N CYS A 133 -9.62 -1.48 27.72
CA CYS A 133 -10.16 -2.41 26.70
C CYS A 133 -11.69 -2.47 26.65
N ILE A 134 -12.32 -1.29 26.79
CA ILE A 134 -13.78 -1.19 26.77
C ILE A 134 -14.14 -0.71 25.40
N GLN A 135 -14.82 -1.60 24.70
CA GLN A 135 -15.37 -1.32 23.39
C GLN A 135 -16.40 -0.22 23.49
N GLY A 136 -16.22 0.84 22.72
CA GLY A 136 -17.32 1.76 22.53
C GLY A 136 -17.01 2.85 21.56
N ASP A 137 -18.04 3.27 20.82
CA ASP A 137 -17.94 4.32 19.82
C ASP A 137 -16.89 3.83 18.82
N ASN A 138 -15.77 4.53 18.68
CA ASN A 138 -14.78 4.07 17.73
C ASN A 138 -13.68 3.21 18.31
N CYS A 139 -13.82 2.87 19.59
CA CYS A 139 -12.95 1.90 20.22
C CYS A 139 -13.50 0.48 20.02
N PHE A 140 -12.75 -0.33 19.24
CA PHE A 140 -13.19 -1.67 18.83
C PHE A 140 -12.04 -2.63 19.11
N PRO A 141 -11.76 -2.84 20.42
CA PRO A 141 -10.47 -3.43 20.77
C PRO A 141 -10.35 -4.90 20.35
N ILE A 142 -9.14 -5.33 20.06
CA ILE A 142 -8.89 -6.69 19.63
C ILE A 142 -8.55 -7.44 20.90
N MET A 143 -9.51 -8.24 21.37
CA MET A 143 -9.42 -9.01 22.63
C MET A 143 -8.63 -10.32 22.46
N PHE A 144 -7.75 -10.63 23.40
CA PHE A 144 -7.03 -11.92 23.37
C PHE A 144 -7.92 -13.06 23.78
N PRO A 145 -7.83 -14.18 23.07
CA PRO A 145 -8.60 -15.38 23.41
C PRO A 145 -7.88 -16.24 24.43
N LYS A 146 -8.64 -16.98 25.22
CA LYS A 146 -8.06 -17.84 26.26
C LYS A 146 -6.84 -18.59 25.74
N ASN A 147 -5.76 -18.55 26.51
CA ASN A 147 -4.54 -19.24 26.14
C ASN A 147 -3.58 -18.38 25.37
N ASP A 148 -3.89 -17.12 25.15
CA ASP A 148 -2.97 -16.24 24.45
C ASP A 148 -1.80 -15.79 25.27
N PRO A 149 -0.56 -16.03 24.69
CA PRO A 149 0.59 -15.55 25.50
C PRO A 149 0.63 -14.05 25.73
N LYS A 150 0.00 -13.27 24.88
CA LYS A 150 0.02 -11.83 25.10
C LYS A 150 -0.84 -11.44 26.34
N LEU A 151 -1.74 -12.32 26.72
CA LEU A 151 -2.51 -12.17 27.94
C LEU A 151 -1.56 -12.04 29.10
N LYS A 152 -0.50 -12.85 29.05
CA LYS A 152 0.44 -12.91 30.14
C LYS A 152 1.28 -11.66 30.18
N THR A 153 1.60 -11.07 29.04
CA THR A 153 2.51 -9.92 29.08
C THR A 153 1.97 -8.58 28.65
N GLN A 154 0.77 -8.54 28.09
CA GLN A 154 0.32 -7.31 27.39
C GLN A 154 -1.02 -6.77 27.79
N GLY A 155 -1.84 -7.56 28.45
CA GLY A 155 -3.13 -7.10 28.92
C GLY A 155 -4.27 -7.99 28.48
N LYS A 156 -5.44 -7.40 28.27
CA LYS A 156 -6.61 -8.13 27.84
C LYS A 156 -6.84 -7.94 26.33
N CYS A 157 -6.21 -6.92 25.76
CA CYS A 157 -6.48 -6.57 24.36
C CYS A 157 -5.37 -5.82 23.72
N MET A 158 -5.51 -5.65 22.41
CA MET A 158 -4.74 -4.69 21.65
C MET A 158 -5.72 -3.59 21.23
N PRO A 159 -5.32 -2.33 21.36
CA PRO A 159 -6.23 -1.30 20.89
C PRO A 159 -6.42 -1.31 19.38
N PHE A 160 -7.56 -0.76 18.97
CA PHE A 160 -7.94 -0.68 17.58
C PHE A 160 -9.09 0.34 17.50
N PHE A 161 -8.91 1.32 16.64
CA PHE A 161 -9.87 2.36 16.39
C PHE A 161 -10.47 2.20 15.01
N ARG A 162 -11.78 2.40 14.94
CA ARG A 162 -12.52 2.24 13.70
C ARG A 162 -12.10 3.28 12.67
N ALA A 163 -12.14 2.92 11.39
CA ALA A 163 -11.71 3.83 10.30
C ALA A 163 -12.64 4.98 10.13
N GLY A 164 -12.10 6.12 9.67
CA GLY A 164 -12.93 7.29 9.34
C GLY A 164 -13.98 7.03 8.25
N PHE A 165 -15.12 7.72 8.36
CA PHE A 165 -16.25 7.62 7.44
C PHE A 165 -16.80 9.00 7.11
N VAL A 166 -17.47 9.11 5.96
CA VAL A 166 -17.88 10.40 5.41
C VAL A 166 -19.11 11.01 6.09
N CYS A 167 -19.70 12.01 5.44
CA CYS A 167 -20.93 12.61 5.97
C CYS A 167 -20.37 13.29 7.19
N PRO A 168 -20.76 12.82 8.37
CA PRO A 168 -19.89 13.05 9.51
C PRO A 168 -18.99 12.05 10.16
N THR A 169 -18.05 12.54 10.95
CA THR A 169 -17.09 11.56 11.53
C THR A 169 -17.46 11.33 13.03
N PRO A 170 -18.43 12.11 13.56
CA PRO A 170 -19.32 11.59 14.63
C PRO A 170 -20.35 10.62 14.02
N PRO A 171 -21.19 9.98 14.85
CA PRO A 171 -22.07 8.94 14.28
C PRO A 171 -23.07 9.42 13.21
N TYR A 172 -23.57 8.48 12.41
CA TYR A 172 -24.59 8.77 11.40
C TYR A 172 -25.79 7.87 11.65
N GLN A 173 -26.70 7.74 10.68
CA GLN A 173 -27.89 6.92 10.90
C GLN A 173 -28.96 6.97 9.80
N SER A 174 -28.52 6.86 8.55
CA SER A 174 -29.44 6.72 7.42
C SER A 174 -28.96 5.62 6.47
N LEU A 175 -27.88 5.90 5.76
CA LEU A 175 -27.24 4.96 4.84
C LEU A 175 -26.23 4.15 5.65
N ALA A 176 -25.76 3.06 5.06
CA ALA A 176 -24.66 2.31 5.62
C ALA A 176 -23.43 3.18 5.75
N ARG A 177 -22.65 2.89 6.78
CA ARG A 177 -21.42 3.63 7.02
C ARG A 177 -20.44 3.38 5.85
N GLU A 178 -19.83 4.47 5.37
CA GLU A 178 -18.94 4.35 4.23
C GLU A 178 -17.58 4.97 4.59
N GLN A 179 -16.54 4.14 4.57
CA GLN A 179 -15.18 4.55 4.97
C GLN A 179 -14.54 5.39 3.89
N ILE A 180 -13.58 6.24 4.28
CA ILE A 180 -12.92 7.18 3.33
C ILE A 180 -11.61 6.65 2.72
N ASN A 181 -11.39 6.94 1.42
CA ASN A 181 -10.08 6.85 0.80
C ASN A 181 -9.54 8.26 0.82
N ALA A 182 -8.43 8.47 1.50
CA ALA A 182 -7.85 9.80 1.70
C ALA A 182 -6.84 10.15 0.63
N VAL A 183 -6.63 9.23 -0.29
CA VAL A 183 -5.59 9.45 -1.26
C VAL A 183 -6.27 9.28 -2.59
N THR A 184 -5.62 9.65 -3.67
CA THR A 184 -6.27 9.50 -4.97
C THR A 184 -6.30 8.12 -5.51
N SER A 185 -7.44 7.73 -6.06
CA SER A 185 -7.63 6.38 -6.62
C SER A 185 -6.87 6.12 -7.91
N PHE A 186 -6.42 7.20 -8.55
CA PHE A 186 -5.70 7.06 -9.81
C PHE A 186 -4.20 6.91 -9.60
N LEU A 187 -3.65 5.76 -9.98
CA LEU A 187 -2.23 5.52 -9.83
C LEU A 187 -1.42 6.71 -10.34
N ASP A 188 -1.32 7.75 -9.51
CA ASP A 188 -0.62 8.97 -9.90
C ASP A 188 0.38 9.45 -8.85
N ALA A 189 1.33 8.59 -8.49
CA ALA A 189 2.39 8.95 -7.56
C ALA A 189 1.90 10.02 -6.58
N SER A 190 0.74 9.78 -5.96
CA SER A 190 0.21 10.70 -4.99
C SER A 190 0.95 10.48 -3.68
N LEU A 191 1.53 9.30 -3.52
CA LEU A 191 2.40 9.02 -2.36
C LEU A 191 3.66 9.91 -2.31
N VAL A 192 4.04 10.47 -3.46
CA VAL A 192 5.19 11.34 -3.52
C VAL A 192 4.81 12.82 -3.40
N TYR A 193 3.76 13.22 -4.09
CA TYR A 193 3.39 14.62 -4.22
C TYR A 193 2.34 15.05 -3.21
N GLY A 194 1.67 14.06 -2.59
CA GLY A 194 0.58 14.32 -1.68
C GLY A 194 -0.73 14.33 -2.46
N SER A 195 -1.86 14.14 -1.77
CA SER A 195 -3.23 14.16 -2.34
C SER A 195 -4.05 15.40 -1.89
N GLU A 196 -3.40 16.32 -1.22
CA GLU A 196 -4.06 17.55 -0.75
C GLU A 196 -3.13 18.76 -0.97
N PRO A 197 -3.70 19.94 -1.19
CA PRO A 197 -2.90 21.10 -1.61
C PRO A 197 -1.87 21.51 -0.58
N SEP A 198 -2.38 21.68 0.62
CA SEP A 198 -1.66 21.96 1.82
CB SEP A 198 -2.82 21.53 2.75
OG SEP A 198 -4.11 21.92 2.12
C SEP A 198 -0.35 21.19 1.90
O SEP A 198 0.70 21.74 2.31
P SEP A 198 -5.57 21.18 2.22
O1P SEP A 198 -5.16 19.92 1.49
O2P SEP A 198 -5.81 20.85 3.68
O3P SEP A 198 -6.64 21.91 1.49
N LEU A 199 -0.36 19.92 1.51
CA LEU A 199 0.82 19.10 1.66
C LEU A 199 1.64 19.16 0.42
N ALA A 200 0.99 19.00 -0.72
CA ALA A 200 1.72 19.08 -1.96
C ALA A 200 2.63 20.34 -2.00
N SER A 201 2.13 21.49 -1.53
CA SER A 201 2.94 22.70 -1.55
C SER A 201 3.99 22.62 -0.48
N ARG A 202 3.60 22.27 0.75
CA ARG A 202 4.56 22.11 1.83
C ARG A 202 5.72 21.21 1.41
N LEU A 203 5.45 20.29 0.48
CA LEU A 203 6.46 19.35 -0.02
C LEU A 203 7.34 20.01 -1.04
N GLN A 204 6.88 21.11 -1.60
CA GLN A 204 7.59 21.73 -2.69
C GLN A 204 8.70 22.69 -2.21
N ASN A 205 9.66 22.89 -3.11
CA ASN A 205 10.69 23.92 -2.97
C ASN A 205 10.20 25.16 -3.71
N LEU A 206 9.61 26.05 -2.93
CA LEU A 206 9.11 27.34 -3.42
C LEU A 206 10.07 28.44 -2.91
N SER A 207 11.35 28.12 -2.97
CA SER A 207 12.42 29.04 -2.70
C SER A 207 13.10 29.35 -4.01
N SER A 208 12.85 28.53 -5.02
CA SER A 208 13.58 28.58 -6.28
C SER A 208 12.74 28.00 -7.42
N PRO A 209 12.90 28.50 -8.65
CA PRO A 209 12.03 28.16 -9.77
C PRO A 209 12.58 27.00 -10.63
N LEU A 210 12.99 25.93 -9.96
CA LEU A 210 13.59 24.79 -10.62
C LEU A 210 12.64 23.57 -10.66
N GLY A 211 11.51 23.68 -9.97
CA GLY A 211 10.47 22.65 -9.96
C GLY A 211 10.81 21.47 -9.07
N LEU A 212 11.56 21.74 -8.01
CA LEU A 212 12.18 20.70 -7.20
C LEU A 212 11.31 20.48 -5.97
N MET A 213 11.41 19.26 -5.43
CA MET A 213 10.79 18.91 -4.19
C MET A 213 11.79 19.25 -3.10
N ALA A 214 11.26 19.53 -1.91
CA ALA A 214 12.05 19.93 -0.76
C ALA A 214 12.89 18.78 -0.23
N VAL A 215 14.15 19.09 0.07
CA VAL A 215 15.06 18.07 0.53
C VAL A 215 15.59 18.34 1.91
N ASN A 216 16.03 17.26 2.51
CA ASN A 216 16.66 17.34 3.79
C ASN A 216 17.85 18.31 3.73
N GLN A 217 17.84 19.27 4.64
CA GLN A 217 18.98 20.18 4.81
C GLN A 217 19.79 19.86 6.08
N GLU A 218 19.40 18.80 6.79
CA GLU A 218 20.14 18.32 7.94
C GLU A 218 21.09 17.15 7.61
N ALA A 219 20.65 16.23 6.76
CA ALA A 219 21.43 15.06 6.43
C ALA A 219 21.49 14.87 4.94
N TRP A 220 22.53 14.17 4.49
CA TRP A 220 22.76 13.94 3.07
C TRP A 220 23.31 12.56 2.88
N ASP A 221 23.26 12.07 1.65
CA ASP A 221 23.71 10.70 1.36
C ASP A 221 24.70 10.72 0.19
N HIS A 222 26.00 10.82 0.50
CA HIS A 222 27.05 11.00 -0.53
C HIS A 222 26.67 12.13 -1.48
N GLY A 223 26.12 13.22 -0.94
CA GLY A 223 25.57 14.28 -1.77
C GLY A 223 24.26 13.96 -2.48
N LEU A 224 23.67 12.81 -2.17
CA LEU A 224 22.39 12.47 -2.75
C LEU A 224 21.37 12.89 -1.71
N ALA A 225 20.18 13.25 -2.19
CA ALA A 225 19.17 13.83 -1.33
C ALA A 225 18.51 12.77 -0.44
N TYR A 226 18.14 13.23 0.73
CA TYR A 226 17.22 12.57 1.62
C TYR A 226 15.92 13.37 1.63
N LEU A 227 14.81 12.72 2.01
CA LEU A 227 13.55 13.45 2.22
C LEU A 227 13.62 14.34 3.46
N PRO A 228 12.90 15.46 3.44
CA PRO A 228 12.83 16.26 4.64
C PRO A 228 12.29 15.49 5.80
N PHE A 229 12.51 15.99 7.00
CA PHE A 229 11.99 15.37 8.15
C PHE A 229 10.64 15.98 8.37
N ASN A 230 9.87 15.36 9.24
CA ASN A 230 8.54 15.79 9.56
C ASN A 230 8.43 16.63 10.85
N ASN A 231 7.48 17.57 10.83
CA ASN A 231 7.06 18.40 11.99
C ASN A 231 6.58 17.66 13.24
N ARG A 232 5.63 16.75 13.06
CA ARG A 232 4.91 16.11 14.15
C ARG A 232 5.77 15.79 15.37
N LYS A 233 5.27 16.18 16.54
CA LYS A 233 5.73 15.66 17.80
C LYS A 233 4.48 15.42 18.63
N PRO A 234 4.32 14.20 19.17
CA PRO A 234 5.32 13.13 19.24
C PRO A 234 5.63 12.43 17.90
N SER A 235 6.89 12.03 17.74
CA SER A 235 7.33 11.34 16.54
C SER A 235 7.61 9.88 16.91
N PRO A 236 7.10 8.96 16.10
CA PRO A 236 7.30 7.55 16.45
C PRO A 236 8.69 7.08 15.98
N CYS A 237 9.30 7.79 15.07
CA CYS A 237 10.60 7.39 14.61
C CYS A 237 11.57 7.82 15.69
N GLU A 238 11.28 8.94 16.32
CA GLU A 238 12.03 9.36 17.48
C GLU A 238 11.80 8.43 18.66
N PHE A 239 10.55 8.09 18.95
CA PHE A 239 10.22 7.16 20.05
C PHE A 239 10.94 5.81 19.93
N ILE A 240 11.26 5.41 18.70
CA ILE A 240 11.91 4.11 18.40
C ILE A 240 13.31 3.99 19.04
N ASN A 241 14.08 5.06 18.95
CA ASN A 241 15.35 5.19 19.61
C ASN A 241 15.49 6.64 20.09
N THR A 242 15.01 6.91 21.30
CA THR A 242 14.96 8.30 21.83
C THR A 242 16.34 8.99 21.99
N THR A 243 17.40 8.18 21.97
CA THR A 243 18.80 8.63 21.93
C THR A 243 19.17 9.24 20.61
N ALA A 244 18.82 8.57 19.53
CA ALA A 244 19.31 8.97 18.19
C ALA A 244 18.57 10.21 17.66
N ARG A 245 17.37 10.44 18.19
CA ARG A 245 16.50 11.57 17.78
C ARG A 245 16.45 11.82 16.28
N VAL A 246 16.24 10.76 15.52
CA VAL A 246 16.00 10.93 14.09
C VAL A 246 14.50 10.72 13.91
N PRO A 247 13.80 11.75 13.38
CA PRO A 247 12.36 11.68 13.18
C PRO A 247 12.01 11.03 11.85
N CYS A 248 10.72 10.96 11.58
CA CYS A 248 10.21 10.39 10.35
C CYS A 248 10.38 11.34 9.20
N PHE A 249 10.21 10.77 8.03
CA PHE A 249 10.31 11.53 6.83
C PHE A 249 8.97 12.18 6.55
N LEU A 250 9.00 13.17 5.69
CA LEU A 250 7.79 13.79 5.24
C LEU A 250 7.71 13.49 3.78
N ALA A 251 6.65 12.82 3.38
CA ALA A 251 6.43 12.50 1.98
C ALA A 251 5.03 12.90 1.58
N GLY A 252 4.67 12.70 0.31
CA GLY A 252 3.27 12.85 -0.12
C GLY A 252 2.28 11.96 0.61
N ASP A 253 2.77 10.97 1.34
CA ASP A 253 1.90 10.04 1.97
C ASP A 253 2.39 9.84 3.37
N PHE A 254 1.47 9.72 4.32
CA PHE A 254 1.88 9.78 5.72
C PHE A 254 2.56 8.53 6.25
N ARG A 255 2.42 7.40 5.56
CA ARG A 255 2.92 6.14 6.03
C ARG A 255 4.36 5.86 5.59
N ALA A 256 5.05 6.86 5.03
CA ALA A 256 6.31 6.61 4.32
C ALA A 256 7.39 6.04 5.25
N SER A 257 7.22 6.21 6.55
CA SER A 257 8.20 5.70 7.50
C SER A 257 7.81 4.43 8.25
N GLU A 258 6.67 3.81 7.91
CA GLU A 258 6.27 2.61 8.60
C GLU A 258 7.39 1.57 8.68
N GLN A 259 8.18 1.47 7.64
CA GLN A 259 9.32 0.58 7.67
C GLN A 259 10.37 1.10 6.69
N ILE A 260 11.60 0.71 6.96
CA ILE A 260 12.78 1.39 6.41
C ILE A 260 12.88 1.23 4.88
N LEU A 261 12.46 0.08 4.38
CA LEU A 261 12.42 -0.19 2.95
C LEU A 261 11.29 0.59 2.27
N LEU A 262 10.22 0.92 2.98
CA LEU A 262 9.20 1.81 2.35
C LEU A 262 9.81 3.21 2.22
N ALA A 263 10.42 3.66 3.31
CA ALA A 263 11.05 4.97 3.39
C ALA A 263 12.17 5.02 2.35
N THR A 264 12.85 3.92 2.15
CA THR A 264 13.82 3.80 1.07
C THR A 264 13.21 4.01 -0.32
N ALA A 265 12.09 3.37 -0.62
CA ALA A 265 11.52 3.55 -1.99
C ALA A 265 11.06 4.95 -2.19
N HIS A 266 10.50 5.55 -1.15
CA HIS A 266 10.19 6.97 -1.19
C HIS A 266 11.41 7.82 -1.58
N THR A 267 12.54 7.50 -0.97
CA THR A 267 13.83 7.98 -1.44
C THR A 267 14.03 7.64 -2.92
N LEU A 268 13.65 6.42 -3.32
CA LEU A 268 13.79 6.03 -4.72
C LEU A 268 12.73 6.69 -5.61
N LEU A 269 12.15 7.81 -5.16
CA LEU A 269 11.15 8.50 -5.94
C LEU A 269 11.40 10.02 -5.89
N LEU A 270 11.55 10.58 -4.71
CA LEU A 270 11.87 12.01 -4.58
C LEU A 270 13.13 12.35 -5.41
N ARG A 271 14.22 11.65 -5.13
CA ARG A 271 15.42 11.79 -6.00
C ARG A 271 15.12 11.94 -7.48
N GLU A 272 14.33 11.00 -8.03
CA GLU A 272 14.06 11.02 -9.46
C GLU A 272 13.25 12.24 -9.89
N HIS A 273 12.39 12.73 -9.03
CA HIS A 273 11.66 13.92 -9.43
C HIS A 273 12.65 15.04 -9.73
N ASN A 274 13.52 15.30 -8.77
CA ASN A 274 14.54 16.32 -8.84
C ASN A 274 15.54 16.03 -9.95
N ARG A 275 15.98 14.79 -10.09
CA ARG A 275 16.82 14.52 -11.22
C ARG A 275 16.12 15.01 -12.46
N LEU A 276 14.86 14.61 -12.58
CA LEU A 276 14.11 14.80 -13.81
C LEU A 276 13.86 16.29 -14.06
N ALA A 277 13.54 17.02 -13.00
CA ALA A 277 13.33 18.47 -13.07
C ALA A 277 14.62 19.19 -13.52
N ARG A 278 15.75 18.84 -12.91
CA ARG A 278 17.05 19.45 -13.27
C ARG A 278 17.39 19.20 -14.72
N GLU A 279 17.19 17.97 -15.17
CA GLU A 279 17.50 17.64 -16.53
C GLU A 279 16.58 18.40 -17.48
N LEU A 280 15.39 18.73 -16.97
CA LEU A 280 14.33 19.36 -17.76
C LEU A 280 14.58 20.86 -17.89
N LYS A 281 15.02 21.51 -16.81
CA LYS A 281 15.32 22.94 -16.87
C LYS A 281 16.49 23.13 -17.82
N LYS A 282 17.53 22.34 -17.60
CA LYS A 282 18.71 22.34 -18.45
C LYS A 282 18.33 22.34 -19.94
N LEU A 283 17.30 21.58 -20.28
CA LEU A 283 16.86 21.48 -21.67
C LEU A 283 15.87 22.57 -22.07
N ASN A 284 14.98 22.93 -21.15
CA ASN A 284 13.95 23.93 -21.43
C ASN A 284 14.11 25.11 -20.46
N PRO A 285 15.14 25.95 -20.69
CA PRO A 285 15.53 26.89 -19.65
C PRO A 285 14.51 27.99 -19.44
N GLN A 286 13.52 28.03 -20.31
CA GLN A 286 12.45 29.03 -20.21
C GLN A 286 11.26 28.54 -19.38
N TRP A 287 11.21 27.24 -19.07
CA TRP A 287 10.07 26.69 -18.30
C TRP A 287 9.91 27.24 -16.83
N ASP A 288 8.65 27.52 -16.44
CA ASP A 288 8.29 27.90 -15.03
C ASP A 288 8.87 26.97 -13.98
N GLY A 289 8.92 27.43 -12.74
CA GLY A 289 9.12 26.55 -11.60
C GLY A 289 7.97 25.58 -11.52
N GLU A 290 6.76 26.10 -11.57
CA GLU A 290 5.55 25.30 -11.70
C GLU A 290 5.60 24.29 -12.85
N LYS A 291 6.02 24.74 -14.01
CA LYS A 291 6.01 23.91 -15.23
C LYS A 291 6.94 22.71 -15.08
N LEU A 292 8.09 22.96 -14.45
CA LEU A 292 9.09 21.93 -14.22
C LEU A 292 8.59 20.89 -13.20
N TYR A 293 7.85 21.37 -12.21
CA TYR A 293 7.28 20.48 -11.20
C TYR A 293 6.22 19.58 -11.83
N GLN A 294 5.23 20.20 -12.45
CA GLN A 294 4.20 19.45 -13.17
C GLN A 294 4.70 18.46 -14.24
N GLU A 295 5.73 18.80 -15.00
CA GLU A 295 6.12 17.91 -16.10
C GLU A 295 6.97 16.72 -15.55
N ALA A 296 7.74 16.97 -14.49
CA ALA A 296 8.46 15.86 -13.81
C ALA A 296 7.40 14.91 -13.23
N ARG A 297 6.66 15.44 -12.25
CA ARG A 297 5.46 14.82 -11.68
C ARG A 297 4.55 14.02 -12.57
N LYS A 298 4.36 14.49 -13.80
CA LYS A 298 3.75 13.75 -14.89
C LYS A 298 4.57 12.55 -15.36
N ILE A 299 5.86 12.77 -15.58
CA ILE A 299 6.74 11.66 -15.96
C ILE A 299 6.85 10.65 -14.79
N LEU A 300 6.93 11.11 -13.54
CA LEU A 300 7.05 10.17 -12.46
C LEU A 300 5.79 9.29 -12.38
N GLY A 301 4.63 9.94 -12.43
CA GLY A 301 3.34 9.26 -12.43
C GLY A 301 3.28 8.20 -13.51
N ALA A 302 3.84 8.53 -14.66
CA ALA A 302 3.89 7.61 -15.76
C ALA A 302 4.83 6.44 -15.48
N PHE A 303 5.89 6.70 -14.71
CA PHE A 303 6.79 5.64 -14.32
C PHE A 303 6.04 4.65 -13.37
N VAL A 304 5.29 5.18 -12.43
CA VAL A 304 4.65 4.29 -11.40
C VAL A 304 3.76 3.34 -12.19
N GLN A 305 3.03 3.92 -13.13
CA GLN A 305 2.06 3.16 -13.91
C GLN A 305 2.70 2.07 -14.69
N ILE A 306 3.83 2.39 -15.34
CA ILE A 306 4.46 1.46 -16.28
C ILE A 306 5.11 0.33 -15.54
N ILE A 307 5.90 0.65 -14.54
CA ILE A 307 6.44 -0.43 -13.68
C ILE A 307 5.31 -1.34 -13.17
N THR A 308 4.24 -0.72 -12.71
CA THR A 308 3.11 -1.49 -12.10
C THR A 308 2.45 -2.43 -13.07
N PHE A 309 2.11 -1.94 -14.26
CA PHE A 309 1.27 -2.72 -15.16
C PHE A 309 2.08 -3.58 -16.07
N ARG A 310 3.28 -3.13 -16.41
CA ARG A 310 4.15 -3.93 -17.22
C ARG A 310 4.97 -4.94 -16.42
N ASP A 311 5.55 -4.56 -15.30
CA ASP A 311 6.40 -5.52 -14.58
C ASP A 311 5.72 -6.22 -13.39
N TYR A 312 4.94 -5.48 -12.65
CA TYR A 312 4.42 -5.98 -11.40
C TYR A 312 3.19 -6.83 -11.58
N LEU A 313 2.14 -6.30 -12.18
CA LEU A 313 0.86 -7.06 -12.18
C LEU A 313 0.92 -8.41 -12.91
N PRO A 314 1.67 -8.47 -14.02
CA PRO A 314 1.79 -9.77 -14.62
C PRO A 314 2.28 -10.86 -13.69
N ILE A 315 3.12 -10.54 -12.72
CA ILE A 315 3.75 -11.57 -11.85
C ILE A 315 3.05 -11.71 -10.49
N VAL A 316 2.07 -10.84 -10.27
CA VAL A 316 1.27 -10.89 -9.05
C VAL A 316 -0.08 -11.53 -9.34
N LEU A 317 -0.39 -11.69 -10.62
CA LEU A 317 -1.65 -12.30 -11.04
C LEU A 317 -1.39 -13.65 -11.70
N GLY A 318 -0.61 -13.65 -12.78
CA GLY A 318 -0.28 -14.86 -13.48
C GLY A 318 -1.19 -15.08 -14.67
N SER A 319 -1.66 -16.31 -14.78
CA SER A 319 -2.71 -16.73 -15.71
C SER A 319 -3.92 -15.79 -15.82
N GLU A 320 -4.26 -15.09 -14.75
CA GLU A 320 -5.47 -14.27 -14.77
C GLU A 320 -5.21 -12.87 -15.31
N MET A 321 -3.96 -12.55 -15.60
CA MET A 321 -3.63 -11.20 -16.05
C MET A 321 -4.47 -10.78 -17.28
N GLN A 322 -4.59 -11.69 -18.23
CA GLN A 322 -5.21 -11.38 -19.52
C GLN A 322 -6.70 -11.35 -19.33
N LYS A 323 -7.18 -12.27 -18.50
CA LYS A 323 -8.58 -12.36 -18.16
C LYS A 323 -9.18 -11.11 -17.50
N TRP A 324 -8.38 -10.23 -16.87
CA TRP A 324 -8.92 -9.04 -16.19
C TRP A 324 -8.31 -7.75 -16.70
N ILE A 325 -7.14 -7.82 -17.30
CA ILE A 325 -6.47 -6.63 -17.77
C ILE A 325 -6.02 -6.91 -19.21
N PRO A 326 -6.98 -6.98 -20.14
CA PRO A 326 -6.62 -7.09 -21.55
C PRO A 326 -5.84 -5.87 -21.98
N PRO A 327 -4.93 -6.03 -22.95
CA PRO A 327 -4.20 -4.87 -23.48
C PRO A 327 -5.09 -3.65 -23.74
N TYR A 328 -4.53 -2.48 -23.52
CA TYR A 328 -5.24 -1.21 -23.44
C TYR A 328 -5.99 -0.84 -24.71
N GLN A 329 -7.15 -0.22 -24.54
CA GLN A 329 -8.02 0.13 -25.66
C GLN A 329 -8.55 1.53 -25.52
N GLY A 330 -7.84 2.35 -24.76
CA GLY A 330 -8.20 3.72 -24.51
C GLY A 330 -9.08 4.06 -23.29
N TYR A 331 -9.05 5.33 -22.98
CA TYR A 331 -9.78 5.95 -21.96
C TYR A 331 -11.26 5.76 -22.10
N ASN A 332 -11.91 5.26 -21.05
CA ASN A 332 -13.34 5.10 -21.03
C ASN A 332 -13.97 5.80 -19.82
N ASN A 333 -14.67 6.85 -20.14
CA ASN A 333 -15.28 7.60 -19.08
C ASN A 333 -16.52 6.95 -18.46
N SER A 334 -16.98 5.85 -18.99
CA SER A 334 -18.05 5.24 -18.30
C SER A 334 -17.51 4.36 -17.20
N VAL A 335 -16.20 4.19 -17.14
CA VAL A 335 -15.60 3.28 -16.14
C VAL A 335 -15.54 4.02 -14.80
N ASP A 336 -15.85 3.35 -13.70
CA ASP A 336 -15.63 3.94 -12.36
C ASP A 336 -14.15 3.78 -11.95
N PRO A 337 -13.38 4.87 -11.80
CA PRO A 337 -12.00 4.72 -11.37
C PRO A 337 -11.82 4.59 -9.85
N ARG A 338 -12.91 4.56 -9.07
CA ARG A 338 -12.76 4.59 -7.56
C ARG A 338 -12.17 3.28 -6.98
N ILE A 339 -11.33 3.43 -5.96
CA ILE A 339 -10.88 2.28 -5.23
C ILE A 339 -12.05 1.72 -4.43
N SER A 340 -12.28 0.42 -4.58
CA SER A 340 -13.34 -0.25 -3.82
C SER A 340 -12.89 -0.62 -2.41
N ASN A 341 -13.85 -0.77 -1.53
CA ASN A 341 -13.52 -1.01 -0.13
C ASN A 341 -12.90 -2.38 -0.09
N VAL A 342 -13.47 -3.35 -0.80
CA VAL A 342 -12.85 -4.68 -0.76
C VAL A 342 -11.39 -4.75 -1.28
N PHE A 343 -11.08 -4.02 -2.35
CA PHE A 343 -9.68 -3.96 -2.82
C PHE A 343 -8.69 -3.59 -1.71
N THR A 344 -9.09 -2.71 -0.77
CA THR A 344 -8.17 -2.34 0.25
C THR A 344 -7.87 -3.50 1.19
N PHE A 345 -8.69 -4.55 1.16
CA PHE A 345 -8.31 -5.76 1.88
C PHE A 345 -7.63 -6.77 0.98
N ALA A 346 -7.99 -6.76 -0.29
CA ALA A 346 -7.48 -7.77 -1.19
C ALA A 346 -6.01 -7.48 -1.41
N PHE A 347 -5.66 -6.20 -1.42
CA PHE A 347 -4.30 -5.81 -1.71
C PHE A 347 -3.44 -6.18 -0.55
N ARG A 348 -4.04 -6.44 0.60
CA ARG A 348 -3.24 -6.88 1.76
C ARG A 348 -2.70 -8.34 1.63
N PHE A 349 -2.73 -8.89 0.42
CA PHE A 349 -1.97 -10.12 0.23
C PHE A 349 -0.48 -9.93 0.46
N GLY A 350 -0.04 -8.68 0.34
CA GLY A 350 1.33 -8.31 0.51
C GLY A 350 1.90 -8.64 1.86
N HIS A 351 1.05 -8.60 2.88
CA HIS A 351 1.45 -8.90 4.22
C HIS A 351 1.98 -10.34 4.33
N MET A 352 1.59 -11.29 3.50
CA MET A 352 2.15 -12.63 3.60
C MET A 352 3.49 -12.80 2.84
N GLU A 353 3.92 -11.72 2.18
CA GLU A 353 5.12 -11.64 1.38
C GLU A 353 6.27 -10.93 2.09
N VAL A 354 6.02 -10.45 3.31
CA VAL A 354 7.02 -9.81 4.10
C VAL A 354 7.79 -10.84 4.92
N PRO A 355 9.11 -10.95 4.69
CA PRO A 355 9.95 -11.87 5.43
C PRO A 355 10.41 -11.24 6.76
N SER A 356 11.12 -12.03 7.58
CA SER A 356 11.41 -11.63 8.98
C SER A 356 12.61 -10.69 9.20
N THR A 357 13.41 -10.48 8.16
CA THR A 357 14.62 -9.68 8.29
C THR A 357 14.92 -8.91 7.03
N VAL A 358 15.71 -7.87 7.22
CA VAL A 358 16.15 -6.98 6.20
C VAL A 358 17.67 -6.89 6.34
N SER A 359 18.31 -6.96 5.19
CA SER A 359 19.77 -6.92 5.04
C SER A 359 20.26 -5.61 4.38
N ARG A 360 21.43 -5.20 4.87
CA ARG A 360 22.23 -4.16 4.25
C ARG A 360 23.40 -4.88 3.60
N LEU A 361 23.64 -4.60 2.33
CA LEU A 361 24.68 -5.25 1.53
C LEU A 361 25.60 -4.18 0.93
N ASP A 362 26.91 -4.46 0.97
CA ASP A 362 27.93 -3.59 0.38
C ASP A 362 28.04 -3.87 -1.11
N GLU A 363 29.07 -3.29 -1.72
CA GLU A 363 29.17 -3.15 -3.17
C GLU A 363 29.58 -4.45 -3.90
N ASN A 364 30.02 -5.45 -3.13
CA ASN A 364 30.15 -6.80 -3.64
C ASN A 364 28.90 -7.61 -3.22
N TYR A 365 27.93 -6.93 -2.60
CA TYR A 365 26.65 -7.56 -2.24
C TYR A 365 26.89 -8.64 -1.21
N GLN A 366 27.69 -8.29 -0.23
CA GLN A 366 28.07 -9.18 0.83
C GLN A 366 27.65 -8.40 2.03
N PRO A 367 27.48 -9.08 3.16
CA PRO A 367 26.90 -8.32 4.22
C PRO A 367 27.63 -6.99 4.37
N TRP A 368 26.89 -5.94 4.66
CA TRP A 368 27.48 -4.64 4.96
C TRP A 368 27.62 -4.44 6.49
N GLY A 369 28.84 -4.62 7.03
CA GLY A 369 29.11 -4.35 8.45
C GLY A 369 28.86 -5.58 9.31
N PRO A 370 29.03 -5.43 10.64
CA PRO A 370 28.81 -6.58 11.53
C PRO A 370 27.32 -6.87 11.81
N GLU A 371 26.41 -5.96 11.47
CA GLU A 371 24.99 -6.15 11.78
C GLU A 371 24.16 -6.03 10.52
N ALA A 372 24.64 -6.67 9.46
CA ALA A 372 24.07 -6.46 8.14
C ALA A 372 22.56 -6.85 8.12
N GLU A 373 22.19 -7.91 8.81
CA GLU A 373 20.83 -8.38 8.79
C GLU A 373 20.18 -8.01 10.10
N LEU A 374 18.96 -7.43 10.05
CA LEU A 374 18.19 -7.07 11.25
C LEU A 374 16.79 -7.69 11.29
N PRO A 375 16.22 -7.94 12.51
CA PRO A 375 14.80 -8.32 12.59
C PRO A 375 13.90 -7.20 12.08
N LEU A 376 12.87 -7.59 11.34
CA LEU A 376 12.07 -6.56 10.65
C LEU A 376 11.47 -5.61 11.70
N HIS A 377 11.14 -6.11 12.89
CA HIS A 377 10.44 -5.28 13.86
C HIS A 377 11.27 -4.12 14.38
N THR A 378 12.58 -4.29 14.44
CA THR A 378 13.43 -3.20 14.89
C THR A 378 13.47 -2.14 13.82
N LEU A 379 12.76 -2.34 12.69
CA LEU A 379 12.83 -1.42 11.56
C LEU A 379 11.51 -0.68 11.26
N PHE A 380 10.47 -0.97 12.05
CA PHE A 380 9.26 -0.20 11.98
C PHE A 380 9.60 1.20 12.50
N PHE A 381 9.32 2.22 11.69
CA PHE A 381 9.46 3.66 12.06
C PHE A 381 10.90 4.11 12.33
N ASN A 382 11.78 3.57 11.48
CA ASN A 382 13.19 3.62 11.70
C ASN A 382 13.85 4.31 10.52
N THR A 383 14.14 5.59 10.74
CA THR A 383 14.94 6.40 9.85
C THR A 383 16.42 6.39 10.29
N TRP A 384 16.66 6.30 11.59
CA TRP A 384 18.02 6.44 12.07
C TRP A 384 19.01 5.46 11.44
N ARG A 385 18.59 4.23 11.18
CA ARG A 385 19.42 3.28 10.40
C ARG A 385 19.72 3.73 8.99
N ILE A 386 18.91 4.61 8.44
CA ILE A 386 19.26 5.18 7.17
C ILE A 386 20.30 6.29 7.36
N ILE A 387 19.98 7.24 8.24
CA ILE A 387 20.74 8.48 8.38
C ILE A 387 22.14 8.19 8.91
N LYS A 388 22.23 7.34 9.94
CA LYS A 388 23.46 7.10 10.70
C LYS A 388 23.87 5.62 10.71
N ASP A 389 23.76 4.94 9.58
CA ASP A 389 24.25 3.57 9.47
C ASP A 389 25.06 3.57 8.19
N GLY A 390 24.54 2.90 7.18
CA GLY A 390 24.92 3.24 5.81
C GLY A 390 24.03 4.18 5.04
N GLY A 391 24.12 4.12 3.71
CA GLY A 391 23.26 4.94 2.89
C GLY A 391 21.82 4.48 2.91
N ILE A 392 21.10 4.93 1.93
CA ILE A 392 20.08 4.11 1.25
C ILE A 392 20.66 2.95 0.47
N ASP A 393 21.94 3.03 0.11
CA ASP A 393 22.49 2.15 -0.93
C ASP A 393 22.53 0.69 -0.52
N PRO A 394 23.02 0.38 0.71
CA PRO A 394 23.00 -1.01 1.12
C PRO A 394 21.59 -1.63 1.18
N LEU A 395 20.61 -0.83 1.56
CA LEU A 395 19.23 -1.30 1.66
C LEU A 395 18.65 -1.60 0.28
N VAL A 396 19.03 -0.79 -0.71
CA VAL A 396 18.54 -0.99 -2.07
C VAL A 396 19.16 -2.24 -2.69
N ARG A 397 20.41 -2.52 -2.35
CA ARG A 397 21.03 -3.77 -2.77
C ARG A 397 20.34 -4.96 -2.16
N GLY A 398 19.96 -4.82 -0.89
CA GLY A 398 19.16 -5.85 -0.21
C GLY A 398 17.82 -6.02 -0.93
N LEU A 399 17.16 -4.90 -1.23
CA LEU A 399 15.96 -4.99 -2.04
C LEU A 399 16.13 -5.82 -3.30
N LEU A 400 17.33 -5.82 -3.89
CA LEU A 400 17.56 -6.51 -5.19
C LEU A 400 17.93 -7.95 -5.05
N ALA A 401 18.79 -8.20 -4.07
CA ALA A 401 19.50 -9.46 -3.97
C ALA A 401 18.90 -10.36 -2.92
N LYS A 402 18.02 -9.85 -2.07
CA LYS A 402 17.30 -10.75 -1.16
C LYS A 402 15.93 -11.02 -1.75
N LYS A 403 15.28 -12.04 -1.23
CA LYS A 403 13.96 -12.52 -1.71
C LYS A 403 12.76 -12.08 -0.86
N SER A 404 11.59 -11.98 -1.50
CA SER A 404 10.34 -11.86 -0.72
C SER A 404 10.05 -13.12 0.07
N LYS A 405 9.17 -12.95 1.06
CA LYS A 405 8.52 -14.13 1.64
C LYS A 405 7.53 -14.67 0.62
N LEU A 406 7.45 -16.00 0.52
CA LEU A 406 6.43 -16.71 -0.21
C LEU A 406 5.27 -17.00 0.70
N MET A 407 4.07 -16.68 0.25
CA MET A 407 2.88 -17.00 1.02
C MET A 407 2.79 -18.52 1.02
N ASN A 408 2.24 -19.02 2.11
CA ASN A 408 2.30 -20.41 2.42
C ASN A 408 1.11 -20.65 3.32
N GLN A 409 0.31 -21.63 2.97
CA GLN A 409 -0.87 -21.91 3.74
C GLN A 409 -0.53 -22.30 5.18
N ASP A 410 0.67 -22.81 5.39
CA ASP A 410 1.08 -23.18 6.77
C ASP A 410 1.94 -22.14 7.44
N LYS A 411 2.38 -21.12 6.72
CA LYS A 411 3.24 -20.06 7.30
C LYS A 411 2.88 -18.73 6.68
N MET A 412 1.78 -18.16 7.12
CA MET A 412 1.20 -17.03 6.46
C MET A 412 1.91 -15.70 6.71
N VAL A 413 1.94 -15.28 7.97
CA VAL A 413 2.50 -14.01 8.27
C VAL A 413 3.56 -14.16 9.37
N THR A 414 4.78 -13.71 9.07
CA THR A 414 5.90 -13.70 10.03
C THR A 414 5.54 -12.99 11.33
N SER A 415 6.04 -13.54 12.44
CA SER A 415 5.73 -13.04 13.78
C SER A 415 6.26 -11.66 13.94
N GLU A 416 7.23 -11.29 13.12
CA GLU A 416 7.67 -9.89 13.11
C GLU A 416 6.48 -8.93 12.95
N LEU A 417 5.51 -9.33 12.11
CA LEU A 417 4.27 -8.55 11.92
C LEU A 417 3.09 -9.08 12.72
N ARG A 418 3.08 -10.40 13.00
CA ARG A 418 1.97 -11.02 13.65
C ARG A 418 2.02 -10.83 15.17
N ASN A 419 3.22 -10.61 15.73
CA ASN A 419 3.38 -10.38 17.19
C ASN A 419 4.14 -9.16 17.53
N LYS A 420 4.91 -8.64 16.60
CA LYS A 420 5.82 -7.57 16.98
C LYS A 420 5.53 -6.23 16.35
N LEU A 421 4.37 -6.07 15.69
CA LEU A 421 4.10 -4.83 14.94
C LEU A 421 4.20 -3.66 15.88
N PHE A 422 4.74 -2.55 15.40
CA PHE A 422 4.74 -1.34 16.23
C PHE A 422 3.74 -0.33 15.67
N GLN A 423 2.89 0.19 16.53
CA GLN A 423 1.86 1.12 16.09
C GLN A 423 2.56 2.39 16.48
N PRO A 424 2.17 3.52 15.97
CA PRO A 424 2.81 4.80 16.24
C PRO A 424 2.20 5.65 17.34
N THR A 425 1.12 5.17 17.94
CA THR A 425 0.55 5.76 19.14
C THR A 425 0.48 4.75 20.29
N HIS A 426 1.28 3.69 20.22
CA HIS A 426 1.25 2.69 21.25
C HIS A 426 2.66 2.17 21.40
N LYS A 427 3.08 2.05 22.65
CA LYS A 427 4.49 2.15 22.97
C LYS A 427 5.30 0.87 22.71
N ILE A 428 4.63 -0.21 22.33
CA ILE A 428 5.28 -1.51 22.26
C ILE A 428 5.47 -2.05 20.83
N HIS A 429 6.45 -2.91 20.67
CA HIS A 429 6.48 -3.84 19.54
C HIS A 429 5.68 -5.06 19.90
N GLY A 430 4.38 -4.87 19.95
CA GLY A 430 3.49 -5.90 20.46
C GLY A 430 2.19 -6.17 19.72
N PHE A 431 2.00 -5.57 18.55
CA PHE A 431 0.74 -5.74 17.80
C PHE A 431 0.80 -6.83 16.71
N ASP A 432 -0.39 -7.11 16.16
CA ASP A 432 -0.62 -8.20 15.26
C ASP A 432 -1.31 -7.69 13.95
N LEU A 433 -0.56 -7.48 12.91
CA LEU A 433 -1.19 -6.99 11.63
C LEU A 433 -2.33 -7.87 11.04
N ALA A 434 -2.24 -9.17 11.27
CA ALA A 434 -3.20 -10.11 10.84
C ALA A 434 -4.51 -9.95 11.57
N ALA A 435 -4.47 -10.02 12.90
CA ALA A 435 -5.60 -9.60 13.76
C ALA A 435 -6.20 -8.32 13.32
N ILE A 436 -5.38 -7.30 13.26
CA ILE A 436 -5.84 -5.98 12.82
C ILE A 436 -6.58 -6.06 11.49
N ASN A 437 -6.03 -6.82 10.52
CA ASN A 437 -6.64 -6.87 9.19
C ASN A 437 -8.05 -7.52 9.30
N LEU A 438 -8.16 -8.58 10.08
CA LEU A 438 -9.45 -9.23 10.30
C LEU A 438 -10.48 -8.31 10.95
N GLN A 439 -10.03 -7.55 11.93
CA GLN A 439 -10.88 -6.66 12.66
C GLN A 439 -11.40 -5.53 11.74
N ARG A 440 -10.49 -5.05 10.91
CA ARG A 440 -10.73 -4.00 9.95
C ARG A 440 -11.72 -4.44 8.87
N CYS A 441 -11.66 -5.70 8.45
CA CYS A 441 -12.61 -6.28 7.51
C CYS A 441 -14.00 -6.07 8.08
N ARG A 442 -14.13 -6.33 9.38
CA ARG A 442 -15.41 -6.20 10.07
C ARG A 442 -15.76 -4.76 10.28
N ASP A 443 -14.78 -3.97 10.70
CA ASP A 443 -14.90 -2.50 10.79
C ASP A 443 -15.52 -1.93 9.51
N HIS A 444 -15.02 -2.39 8.37
CA HIS A 444 -15.40 -1.86 7.06
C HIS A 444 -16.65 -2.45 6.45
N GLY A 445 -17.35 -3.27 7.22
CA GLY A 445 -18.54 -3.93 6.70
C GLY A 445 -18.38 -4.90 5.56
N MET A 446 -17.28 -5.62 5.54
CA MET A 446 -17.04 -6.53 4.42
C MET A 446 -18.01 -7.70 4.36
N PRO A 447 -18.57 -7.96 3.17
CA PRO A 447 -19.20 -9.28 3.01
C PRO A 447 -18.22 -10.42 3.13
N GLY A 448 -18.74 -11.55 3.54
CA GLY A 448 -17.89 -12.69 3.78
C GLY A 448 -17.35 -13.32 2.53
N TYR A 449 -16.61 -14.40 2.74
CA TYR A 449 -15.84 -15.06 1.71
C TYR A 449 -16.72 -15.48 0.57
N ASN A 450 -17.83 -16.16 0.85
CA ASN A 450 -18.63 -16.77 -0.19
C ASN A 450 -19.39 -15.75 -1.01
N SER A 451 -19.76 -14.63 -0.38
CA SER A 451 -20.23 -13.49 -1.14
C SER A 451 -19.22 -13.04 -2.20
N TRP A 452 -17.91 -13.05 -1.89
CA TRP A 452 -16.93 -12.60 -2.86
C TRP A 452 -16.69 -13.73 -3.85
N ARG A 453 -16.74 -14.98 -3.39
CA ARG A 453 -16.60 -16.05 -4.34
C ARG A 453 -17.68 -15.82 -5.43
N GLY A 454 -18.91 -15.68 -4.97
CA GLY A 454 -20.05 -15.53 -5.85
C GLY A 454 -19.90 -14.32 -6.77
N PHE A 455 -19.48 -13.18 -6.22
CA PHE A 455 -19.14 -12.01 -7.03
C PHE A 455 -18.17 -12.24 -8.20
N CYS A 456 -17.26 -13.15 -8.00
CA CYS A 456 -16.23 -13.43 -8.96
C CYS A 456 -16.53 -14.69 -9.79
N GLY A 457 -17.74 -15.26 -9.65
CA GLY A 457 -18.14 -16.40 -10.50
C GLY A 457 -17.51 -17.72 -10.10
N LEU A 458 -17.18 -17.85 -8.82
CA LEU A 458 -16.47 -19.01 -8.32
C LEU A 458 -17.40 -19.77 -7.45
N SER A 459 -17.11 -21.02 -7.21
CA SER A 459 -17.98 -21.84 -6.35
C SER A 459 -17.96 -21.34 -4.92
N GLN A 460 -19.01 -21.66 -4.19
CA GLN A 460 -19.20 -21.16 -2.85
C GLN A 460 -19.32 -22.35 -1.94
N PRO A 461 -18.19 -22.81 -1.37
CA PRO A 461 -18.20 -24.02 -0.55
C PRO A 461 -19.02 -23.87 0.70
N LYS A 462 -19.79 -24.91 1.04
CA LYS A 462 -20.67 -24.87 2.23
C LYS A 462 -20.26 -25.85 3.29
N THR A 463 -19.59 -26.91 2.83
CA THR A 463 -19.30 -28.08 3.63
C THR A 463 -17.80 -28.34 3.64
N LEU A 464 -17.30 -28.46 4.85
CA LEU A 464 -15.93 -28.69 5.15
C LEU A 464 -15.16 -29.53 4.15
N LYS A 465 -15.86 -30.46 3.63
CA LYS A 465 -15.18 -31.13 2.54
C LYS A 465 -15.05 -30.26 1.30
N GLY A 466 -16.06 -29.44 1.05
CA GLY A 466 -16.02 -28.56 -0.11
C GLY A 466 -14.97 -27.47 0.03
N LEU A 467 -14.83 -26.94 1.24
CA LEU A 467 -13.78 -25.98 1.52
C LEU A 467 -12.40 -26.62 1.37
N GLN A 468 -12.24 -27.91 1.67
CA GLN A 468 -10.93 -28.55 1.51
C GLN A 468 -10.56 -28.55 0.06
N THR A 469 -11.57 -28.76 -0.75
CA THR A 469 -11.36 -28.86 -2.16
C THR A 469 -10.91 -27.52 -2.75
N VAL A 470 -11.58 -26.42 -2.39
CA VAL A 470 -11.24 -25.11 -2.94
C VAL A 470 -9.81 -24.71 -2.49
N LEU A 471 -9.49 -24.98 -1.23
CA LEU A 471 -8.20 -24.60 -0.67
C LEU A 471 -7.18 -25.74 -0.72
N LYS A 472 -7.52 -26.81 -1.43
CA LYS A 472 -6.64 -27.95 -1.57
C LYS A 472 -5.82 -28.12 -0.29
N ASN A 473 -6.51 -28.18 0.83
CA ASN A 473 -5.84 -28.27 2.12
C ASN A 473 -6.82 -28.68 3.22
N LYS A 474 -6.80 -29.97 3.53
CA LYS A 474 -7.66 -30.54 4.57
C LYS A 474 -7.53 -29.81 5.88
N ILE A 475 -6.29 -29.59 6.29
CA ILE A 475 -6.04 -29.17 7.67
C ILE A 475 -6.38 -27.70 7.86
N LEU A 476 -6.00 -26.86 6.88
CA LEU A 476 -6.37 -25.44 6.90
C LEU A 476 -7.94 -25.26 6.95
N ALA A 477 -8.61 -25.96 6.07
CA ALA A 477 -10.09 -25.97 6.00
C ALA A 477 -10.75 -26.28 7.34
N LYS A 478 -10.17 -27.27 8.01
CA LYS A 478 -10.65 -27.76 9.28
C LYS A 478 -10.61 -26.73 10.37
N LYS A 479 -9.48 -26.03 10.46
CA LYS A 479 -9.31 -24.94 11.42
C LYS A 479 -10.24 -23.76 11.09
N LEU A 480 -10.33 -23.45 9.80
CA LEU A 480 -11.24 -22.42 9.32
C LEU A 480 -12.67 -22.78 9.72
N MET A 481 -13.07 -24.01 9.43
CA MET A 481 -14.43 -24.48 9.84
C MET A 481 -14.64 -24.45 11.33
N ASP A 482 -13.63 -24.90 12.06
CA ASP A 482 -13.72 -24.99 13.49
C ASP A 482 -13.94 -23.63 14.06
N LEU A 483 -13.31 -22.64 13.45
CA LEU A 483 -13.44 -21.28 13.94
C LEU A 483 -14.65 -20.55 13.41
N TYR A 484 -14.94 -20.66 12.12
CA TYR A 484 -15.95 -19.78 11.50
C TYR A 484 -17.33 -20.47 11.39
N LYS A 485 -17.28 -21.79 11.22
CA LYS A 485 -18.43 -22.70 11.27
C LYS A 485 -19.24 -22.64 10.01
N THR A 486 -18.84 -21.76 9.12
CA THR A 486 -19.44 -21.73 7.83
C THR A 486 -18.52 -20.82 7.03
N PRO A 487 -18.13 -21.26 5.84
CA PRO A 487 -17.33 -20.43 4.97
C PRO A 487 -17.95 -19.07 4.65
N ASP A 488 -19.28 -18.96 4.72
CA ASP A 488 -19.93 -17.68 4.49
C ASP A 488 -19.44 -16.67 5.50
N ASN A 489 -19.04 -17.09 6.71
CA ASN A 489 -18.52 -16.17 7.75
C ASN A 489 -17.00 -15.91 7.75
N ILE A 490 -16.26 -16.65 6.94
CA ILE A 490 -14.84 -16.46 6.83
C ILE A 490 -14.55 -15.05 6.32
N ASP A 491 -13.65 -14.34 7.02
CA ASP A 491 -13.35 -12.94 6.66
C ASP A 491 -12.56 -12.89 5.34
N ILE A 492 -12.93 -11.94 4.49
CA ILE A 492 -12.36 -11.87 3.13
C ILE A 492 -10.80 -11.93 3.13
N TRP A 493 -10.16 -11.29 4.08
CA TRP A 493 -8.69 -11.21 4.03
C TRP A 493 -8.09 -12.59 4.15
N ILE A 494 -8.63 -13.34 5.09
CA ILE A 494 -8.04 -14.64 5.35
C ILE A 494 -8.56 -15.65 4.31
N GLY A 495 -9.82 -15.57 3.91
CA GLY A 495 -10.31 -16.42 2.86
C GLY A 495 -9.55 -16.26 1.55
N GLY A 496 -9.43 -15.03 1.09
CA GLY A 496 -8.75 -14.76 -0.14
C GLY A 496 -7.33 -15.25 -0.06
N ASN A 497 -6.70 -15.08 1.08
CA ASN A 497 -5.29 -15.39 1.16
C ASN A 497 -5.04 -16.89 1.36
N ALA A 498 -6.09 -17.64 1.74
CA ALA A 498 -5.94 -19.06 2.03
C ALA A 498 -5.93 -19.91 0.78
N GLU A 499 -6.45 -19.37 -0.31
CA GLU A 499 -6.48 -20.05 -1.60
C GLU A 499 -5.10 -20.24 -2.22
N PRO A 500 -4.82 -21.45 -2.73
CA PRO A 500 -3.52 -21.60 -3.42
C PRO A 500 -3.36 -20.64 -4.60
N MET A 501 -2.07 -20.37 -4.85
CA MET A 501 -1.48 -19.27 -5.60
C MET A 501 -1.19 -19.55 -7.08
N VAL A 502 -2.35 -19.65 -7.72
CA VAL A 502 -2.84 -19.43 -9.10
C VAL A 502 -1.79 -20.31 -9.74
N GLU A 503 -1.30 -19.82 -10.81
CA GLU A 503 -0.21 -20.30 -11.63
C GLU A 503 0.65 -19.23 -12.23
N ARG A 504 1.94 -19.22 -11.90
CA ARG A 504 2.80 -18.09 -12.26
C ARG A 504 2.49 -16.76 -11.52
N GLY A 505 1.44 -16.75 -10.69
CA GLY A 505 1.01 -15.56 -9.92
C GLY A 505 1.39 -15.73 -8.46
N ARG A 506 0.92 -14.82 -7.61
CA ARG A 506 1.20 -14.92 -6.16
C ARG A 506 -0.07 -14.64 -5.34
N VAL A 507 -1.20 -14.69 -6.05
CA VAL A 507 -2.52 -14.71 -5.43
C VAL A 507 -3.40 -15.78 -6.00
N GLY A 508 -4.43 -16.10 -5.21
CA GLY A 508 -5.39 -17.10 -5.53
C GLY A 508 -6.45 -16.59 -6.52
N PRO A 509 -7.41 -17.43 -6.88
CA PRO A 509 -8.37 -16.99 -7.92
C PRO A 509 -9.28 -15.86 -7.41
N LEU A 510 -9.79 -16.01 -6.21
CA LEU A 510 -10.67 -14.97 -5.69
C LEU A 510 -9.97 -13.63 -5.75
N LEU A 511 -8.75 -13.59 -5.25
CA LEU A 511 -7.95 -12.36 -5.27
C LEU A 511 -7.61 -11.95 -6.70
N ALA A 512 -7.19 -12.81 -7.55
CA ALA A 512 -6.87 -12.36 -8.86
C ALA A 512 -8.04 -11.55 -9.40
N CYS A 513 -9.24 -12.05 -9.21
CA CYS A 513 -10.44 -11.45 -9.74
C CYS A 513 -10.62 -10.05 -9.10
N LEU A 514 -10.63 -9.97 -7.77
CA LEU A 514 -10.82 -8.65 -7.08
C LEU A 514 -9.74 -7.63 -7.47
N LEU A 515 -8.50 -8.09 -7.49
CA LEU A 515 -7.40 -7.24 -7.85
C LEU A 515 -7.48 -6.89 -9.36
N GLY A 516 -7.59 -7.88 -10.23
CA GLY A 516 -7.58 -7.61 -11.70
C GLY A 516 -8.60 -6.54 -12.07
N ARG A 517 -9.79 -6.75 -11.55
CA ARG A 517 -10.92 -5.89 -11.78
C ARG A 517 -10.66 -4.49 -11.30
N GLN A 518 -10.07 -4.33 -10.15
CA GLN A 518 -9.76 -2.98 -9.66
C GLN A 518 -8.71 -2.27 -10.51
N PHE A 519 -7.64 -2.99 -10.84
CA PHE A 519 -6.58 -2.43 -11.68
C PHE A 519 -7.03 -2.12 -13.14
N GLN A 520 -7.89 -2.96 -13.68
CA GLN A 520 -8.48 -2.68 -14.99
C GLN A 520 -9.17 -1.31 -14.95
N GLN A 521 -9.86 -1.01 -13.88
CA GLN A 521 -10.63 0.19 -13.83
C GLN A 521 -9.80 1.41 -13.56
N ILE A 522 -8.80 1.20 -12.69
CA ILE A 522 -7.71 2.13 -12.47
C ILE A 522 -7.12 2.51 -13.82
N ARG A 523 -6.94 1.53 -14.71
CA ARG A 523 -6.30 1.78 -15.99
C ARG A 523 -7.22 2.36 -17.07
N ASP A 524 -8.48 1.91 -17.09
CA ASP A 524 -9.41 2.30 -18.15
C ASP A 524 -10.15 3.61 -17.81
N GLY A 525 -10.20 3.97 -16.55
CA GLY A 525 -11.07 5.07 -16.13
C GLY A 525 -10.27 6.27 -15.76
N ASP A 526 -8.97 6.25 -16.06
CA ASP A 526 -8.08 7.40 -15.88
C ASP A 526 -7.85 8.23 -17.18
N ARG A 527 -8.21 9.51 -17.15
CA ARG A 527 -8.10 10.39 -18.32
C ARG A 527 -6.63 10.73 -18.59
N PHE A 528 -5.80 10.63 -17.55
CA PHE A 528 -4.40 10.93 -17.67
C PHE A 528 -3.53 9.70 -17.70
N TRP A 529 -4.12 8.54 -17.97
CA TRP A 529 -3.32 7.38 -18.20
C TRP A 529 -2.19 7.73 -19.17
N TRP A 530 -0.96 7.47 -18.78
CA TRP A 530 0.21 7.67 -19.66
C TRP A 530 -0.02 7.28 -21.15
N GLU A 531 -0.69 6.16 -21.40
CA GLU A 531 -0.83 5.64 -22.78
C GLU A 531 -2.10 6.17 -23.52
N ASN A 532 -2.84 7.04 -22.88
CA ASN A 532 -4.02 7.64 -23.51
C ASN A 532 -3.55 8.64 -24.55
N PRO A 533 -3.95 8.47 -25.81
CA PRO A 533 -3.65 9.49 -26.83
C PRO A 533 -3.96 10.93 -26.36
N GLY A 534 -2.96 11.81 -26.46
CA GLY A 534 -3.05 13.18 -26.01
C GLY A 534 -2.15 13.46 -24.81
N VAL A 535 -2.08 12.51 -23.88
CA VAL A 535 -1.39 12.76 -22.60
C VAL A 535 0.10 12.95 -22.86
N PHE A 536 0.68 11.99 -23.57
CA PHE A 536 2.05 12.08 -24.04
C PHE A 536 2.07 11.96 -25.57
N THR A 537 3.04 12.63 -26.19
CA THR A 537 3.32 12.44 -27.61
C THR A 537 3.79 11.03 -27.90
N GLU A 538 3.63 10.57 -29.14
CA GLU A 538 4.12 9.25 -29.54
C GLU A 538 5.61 9.16 -29.24
N LYS A 539 6.31 10.24 -29.48
CA LYS A 539 7.71 10.30 -29.20
C LYS A 539 7.90 10.08 -27.72
N GLN A 540 7.28 10.94 -26.95
CA GLN A 540 7.41 10.84 -25.51
C GLN A 540 7.16 9.40 -25.08
N ARG A 541 6.07 8.82 -25.53
CA ARG A 541 5.76 7.41 -25.21
C ARG A 541 6.79 6.40 -25.72
N ASP A 542 7.58 6.74 -26.72
CA ASP A 542 8.65 5.83 -27.12
C ASP A 542 9.82 5.86 -26.10
N SER A 543 10.00 7.00 -25.42
CA SER A 543 11.03 7.15 -24.35
C SER A 543 10.62 6.48 -23.00
N LEU A 544 9.37 6.68 -22.60
CA LEU A 544 8.82 6.16 -21.33
C LEU A 544 8.77 4.64 -21.29
N GLN A 545 8.55 4.02 -22.45
CA GLN A 545 8.49 2.57 -22.55
C GLN A 545 9.80 1.88 -22.24
N LYS A 546 10.88 2.64 -22.06
CA LYS A 546 12.17 2.02 -21.74
C LYS A 546 12.53 2.13 -20.26
N MET A 547 11.71 2.87 -19.47
CA MET A 547 12.00 3.05 -18.05
C MET A 547 12.03 1.69 -17.41
N SER A 548 12.67 1.60 -16.24
CA SER A 548 12.83 0.33 -15.51
C SER A 548 13.14 0.70 -14.07
N PHE A 549 12.85 -0.16 -13.13
CA PHE A 549 13.26 0.15 -11.78
C PHE A 549 14.82 0.13 -11.68
N SER A 550 15.43 -0.80 -12.39
CA SER A 550 16.89 -0.85 -12.54
C SER A 550 17.44 0.54 -12.84
N ARG A 551 16.93 1.12 -13.92
CA ARG A 551 17.36 2.41 -14.35
C ARG A 551 17.10 3.40 -13.22
N LEU A 552 15.99 3.27 -12.51
CA LEU A 552 15.73 4.22 -11.43
C LEU A 552 16.84 4.08 -10.40
N ILE A 553 17.26 2.84 -10.12
CA ILE A 553 18.31 2.64 -9.13
C ILE A 553 19.58 3.38 -9.62
N CYS A 554 19.94 3.14 -10.87
CA CYS A 554 21.23 3.67 -11.39
C CYS A 554 21.32 5.16 -11.26
N ASP A 555 20.26 5.86 -11.62
CA ASP A 555 20.31 7.30 -11.77
C ASP A 555 20.13 8.02 -10.47
N ASN A 556 19.84 7.28 -9.40
CA ASN A 556 19.53 7.90 -8.14
C ASN A 556 20.23 7.29 -6.93
N THR A 557 21.21 6.42 -7.20
CA THR A 557 22.06 5.86 -6.16
C THR A 557 23.49 5.80 -6.70
N HIS A 558 24.42 5.25 -5.93
CA HIS A 558 25.72 4.92 -6.48
C HIS A 558 25.83 3.41 -6.66
N ILE A 559 24.71 2.75 -6.92
CA ILE A 559 24.75 1.36 -7.37
C ILE A 559 25.04 1.46 -8.83
N THR A 560 25.99 0.65 -9.30
CA THR A 560 26.40 0.61 -10.69
C THR A 560 26.27 -0.79 -11.22
N LYS A 561 25.69 -1.69 -10.43
CA LYS A 561 25.40 -3.03 -10.89
C LYS A 561 24.00 -3.53 -10.44
N VAL A 562 23.15 -3.84 -11.41
CA VAL A 562 21.73 -4.12 -11.18
C VAL A 562 21.29 -5.23 -12.11
N PRO A 563 20.19 -5.93 -11.77
CA PRO A 563 19.62 -6.85 -12.74
C PRO A 563 18.77 -6.13 -13.75
N LEU A 564 18.40 -6.85 -14.79
CA LEU A 564 17.60 -6.29 -15.84
C LEU A 564 16.12 -6.41 -15.44
N HIS A 565 15.78 -7.49 -14.72
CA HIS A 565 14.39 -7.79 -14.34
C HIS A 565 14.34 -7.79 -12.81
N ALA A 566 14.23 -6.61 -12.21
CA ALA A 566 14.45 -6.41 -10.79
C ALA A 566 13.44 -7.08 -9.87
N PHE A 567 12.27 -7.36 -10.37
CA PHE A 567 11.28 -8.02 -9.53
C PHE A 567 11.55 -9.49 -9.40
N GLN A 568 12.25 -10.09 -10.35
CA GLN A 568 12.47 -11.50 -10.16
C GLN A 568 13.57 -11.72 -9.12
N ALA A 569 13.75 -12.97 -8.69
CA ALA A 569 14.82 -13.31 -7.78
C ALA A 569 16.13 -13.29 -8.58
N ASN A 570 17.09 -12.52 -8.07
CA ASN A 570 18.36 -12.30 -8.79
C ASN A 570 19.55 -12.41 -7.84
N ASN A 571 20.60 -13.11 -8.28
CA ASN A 571 21.80 -13.28 -7.46
C ASN A 571 23.01 -12.63 -8.13
N TYR A 572 23.87 -12.07 -7.29
CA TYR A 572 25.02 -11.29 -7.72
C TYR A 572 26.19 -12.26 -7.73
N PRO A 573 27.11 -12.13 -8.69
CA PRO A 573 27.10 -11.20 -9.84
C PRO A 573 26.42 -11.74 -11.13
N HIS A 574 25.98 -12.99 -11.13
CA HIS A 574 25.51 -13.61 -12.35
C HIS A 574 24.35 -12.85 -12.96
N ASP A 575 23.31 -12.59 -12.16
CA ASP A 575 22.12 -11.95 -12.68
C ASP A 575 22.29 -10.44 -12.78
N PHE A 576 23.43 -9.90 -12.32
CA PHE A 576 23.66 -8.45 -12.36
C PHE A 576 24.54 -8.06 -13.58
N VAL A 577 24.33 -6.83 -14.05
CA VAL A 577 25.11 -6.24 -15.12
C VAL A 577 25.29 -4.80 -14.74
N ASP A 578 26.10 -4.09 -15.52
CA ASP A 578 26.49 -2.72 -15.22
C ASP A 578 25.39 -1.81 -15.70
N CYS A 579 25.29 -0.63 -15.09
CA CYS A 579 24.26 0.32 -15.46
C CYS A 579 24.36 0.75 -16.92
N SER A 580 25.54 0.63 -17.51
CA SER A 580 25.73 0.87 -18.94
C SER A 580 24.83 0.07 -19.83
N ALA A 581 24.59 -1.18 -19.45
CA ALA A 581 23.82 -2.09 -20.29
C ALA A 581 22.30 -1.87 -20.20
N VAL A 582 21.89 -0.93 -19.33
CA VAL A 582 20.52 -0.76 -18.87
C VAL A 582 19.88 0.51 -19.42
N ASP A 583 18.79 0.36 -20.18
CA ASP A 583 18.21 1.44 -20.99
C ASP A 583 17.96 2.68 -20.21
N LYS A 584 18.33 3.81 -20.80
CA LYS A 584 17.97 5.12 -20.26
C LYS A 584 16.61 5.67 -20.71
N LEU A 585 16.15 6.65 -19.92
CA LEU A 585 15.03 7.47 -20.24
C LEU A 585 15.56 8.69 -21.02
N ASP A 586 15.14 8.81 -22.28
CA ASP A 586 15.62 9.85 -23.17
C ASP A 586 14.64 10.99 -23.28
N LEU A 587 14.93 12.12 -22.62
CA LEU A 587 14.00 13.24 -22.65
C LEU A 587 14.13 14.20 -23.87
N SER A 588 14.79 13.80 -24.96
CA SER A 588 14.86 14.69 -26.15
C SER A 588 13.45 15.16 -26.43
N PRO A 589 12.50 14.19 -26.55
CA PRO A 589 11.10 14.48 -26.87
C PRO A 589 10.36 15.48 -25.96
N TRP A 590 10.97 15.90 -24.87
CA TRP A 590 10.39 16.95 -24.03
C TRP A 590 10.88 18.34 -24.39
N ALA A 591 11.79 18.44 -25.36
CA ALA A 591 12.31 19.75 -25.80
C ALA A 591 11.21 20.73 -26.26
N SER A 592 11.00 21.81 -25.49
CA SER A 592 10.00 22.81 -25.82
C SER A 592 10.50 23.60 -27.01
N ARG A 593 10.25 23.05 -28.20
CA ARG A 593 10.44 23.76 -29.47
C ARG A 593 9.18 24.60 -29.74
N GLU A 594 8.92 25.60 -28.89
CA GLU A 594 7.90 26.59 -29.21
C GLU A 594 8.35 27.33 -30.46
N ASN A 595 9.61 27.10 -30.85
CA ASN A 595 10.16 27.48 -32.15
C ASN A 595 10.82 26.29 -32.87
C1 NAG B . 10.59 -15.82 -12.47
C2 NAG B . 10.80 -16.98 -13.42
C3 NAG B . 10.40 -16.71 -14.87
C4 NAG B . 9.44 -15.51 -15.10
C5 NAG B . 9.84 -14.44 -14.06
C6 NAG B . 9.19 -13.04 -14.03
C7 NAG B . 12.69 -18.49 -12.98
C8 NAG B . 14.19 -18.67 -12.86
N2 NAG B . 12.22 -17.28 -13.28
O3 NAG B . 9.85 -17.89 -15.41
O4 NAG B . 9.63 -15.19 -16.47
O5 NAG B . 9.51 -15.03 -12.84
O6 NAG B . 9.68 -12.34 -12.89
O7 NAG B . 11.91 -19.45 -12.80
C1 NAG B . 8.77 -14.22 -17.11
C2 NAG B . 9.74 -13.27 -17.83
C3 NAG B . 10.00 -13.71 -19.28
C4 NAG B . 8.71 -13.89 -20.09
C5 NAG B . 7.51 -14.10 -19.18
C6 NAG B . 6.40 -14.82 -19.94
C7 NAG B . 10.10 -10.92 -17.16
C8 NAG B . 9.57 -9.52 -17.22
N2 NAG B . 9.36 -11.86 -17.78
O3 NAG B . 10.76 -14.90 -19.28
O4 NAG B . 8.48 -12.76 -20.93
O5 NAG B . 7.86 -14.84 -18.01
O6 NAG B . 5.18 -14.14 -19.75
O7 NAG B . 11.14 -11.15 -16.54
C1 BMA B . 8.49 -13.01 -22.36
C2 BMA B . 7.41 -12.13 -23.02
C3 BMA B . 7.94 -10.83 -23.65
C4 BMA B . 9.19 -11.08 -24.53
C5 BMA B . 9.81 -12.47 -24.31
C6 BMA B . 11.25 -12.49 -24.86
O2 BMA B . 6.38 -11.86 -22.09
O3 BMA B . 8.19 -9.81 -22.68
O4 BMA B . 8.85 -10.95 -25.89
O5 BMA B . 9.78 -12.81 -22.93
O6 BMA B . 11.86 -13.75 -24.66
C1 NAG C . 15.51 24.65 -2.58
C2 NAG C . 16.33 24.05 -1.44
C3 NAG C . 17.65 24.75 -1.17
C4 NAG C . 18.35 25.06 -2.48
C5 NAG C . 17.38 25.74 -3.44
C6 NAG C . 18.07 26.09 -4.74
C7 NAG C . 15.10 23.06 0.38
C8 NAG C . 14.43 23.34 1.71
N2 NAG C . 15.63 24.14 -0.19
O3 NAG C . 18.40 23.85 -0.38
O4 NAG C . 19.51 25.85 -2.27
O5 NAG C . 16.34 24.83 -3.71
O6 NAG C . 18.80 24.95 -5.15
O7 NAG C . 15.12 21.92 -0.11
C1 NAG C . 20.68 25.07 -2.61
C2 NAG C . 21.92 25.93 -2.85
C3 NAG C . 23.03 25.58 -1.86
C4 NAG C . 23.36 24.08 -1.94
C5 NAG C . 22.05 23.26 -1.90
C6 NAG C . 22.04 22.17 -0.85
C7 NAG C . 22.36 26.54 -5.21
C8 NAG C . 22.94 26.08 -6.53
N2 NAG C . 22.43 25.67 -4.20
O3 NAG C . 22.64 25.90 -0.54
O4 NAG C . 24.11 23.83 -3.12
O5 NAG C . 20.96 24.12 -1.62
O6 NAG C . 20.73 21.65 -0.68
O7 NAG C . 21.85 27.65 -5.09
C1 NAG D . 20.20 4.46 18.86
C2 NAG D . 20.54 2.96 18.87
C3 NAG D . 22.03 2.76 19.17
C4 NAG D . 22.85 3.61 18.19
C5 NAG D . 22.32 5.05 18.09
C6 NAG D . 22.89 5.80 16.90
C7 NAG D . 18.64 1.54 19.65
C8 NAG D . 18.00 0.93 20.87
N2 NAG D . 19.76 2.26 19.86
O3 NAG D . 22.46 1.39 19.16
O4 NAG D . 24.20 3.61 18.64
O5 NAG D . 20.95 5.06 17.86
O6 NAG D . 22.29 7.07 16.85
O7 NAG D . 18.10 1.36 18.55
C1 NAG D . 25.12 3.55 17.54
C2 NAG D . 26.39 4.29 17.93
C3 NAG D . 27.37 4.00 16.80
C4 NAG D . 27.88 2.60 17.14
C5 NAG D . 26.72 1.70 17.60
C6 NAG D . 26.72 1.33 19.09
C7 NAG D . 25.94 5.98 19.61
C8 NAG D . 25.74 7.42 20.02
N2 NAG D . 26.18 5.68 18.33
O3 NAG D . 28.40 4.96 16.77
O4 NAG D . 28.59 1.95 16.09
O5 NAG D . 25.45 2.23 17.19
O6 NAG D . 28.02 1.14 19.61
O7 NAG D . 25.88 5.11 20.48
C1 MAN D . 30.00 2.06 16.36
C2 MAN D . 30.42 0.91 17.29
C3 MAN D . 31.44 1.35 18.35
C4 MAN D . 32.43 2.37 17.82
C5 MAN D . 31.79 3.48 16.98
C6 MAN D . 32.39 3.50 15.58
O2 MAN D . 30.99 -0.15 16.52
O3 MAN D . 32.15 0.19 18.82
O4 MAN D . 33.13 2.97 18.92
O5 MAN D . 30.37 3.33 16.88
O6 MAN D . 32.82 4.83 15.27
C1 NAG E . -16.91 1.66 -21.49
C2 NAG E . -17.35 1.04 -22.79
C3 NAG E . -18.86 0.87 -22.71
C4 NAG E . -19.26 0.02 -21.51
C5 NAG E . -18.57 0.40 -20.19
C6 NAG E . -18.67 -0.72 -19.12
C7 NAG E . -15.97 1.77 -24.68
C8 NAG E . -15.73 2.85 -25.71
N2 NAG E . -16.99 1.95 -23.86
O3 NAG E . -19.31 0.23 -23.88
O4 NAG E . -20.66 0.14 -21.37
O5 NAG E . -17.21 0.75 -20.43
O6 NAG E . -19.60 -0.43 -18.08
O7 NAG E . -15.22 0.79 -24.62
C1 NAG E . -21.38 -1.09 -21.55
C2 NAG E . -22.89 -0.83 -21.41
C3 NAG E . -23.58 -2.20 -21.35
C4 NAG E . -23.34 -2.86 -22.72
C5 NAG E . -21.83 -2.98 -22.97
C6 NAG E . -21.53 -3.51 -24.37
C7 NAG E . -23.08 1.40 -20.37
C8 NAG E . -23.42 2.19 -19.13
N2 NAG E . -23.19 0.06 -20.30
O3 NAG E . -24.95 -2.14 -20.98
O4 NAG E . -23.95 -4.13 -22.79
O5 NAG E . -21.17 -1.72 -22.80
O6 NAG E . -21.59 -2.44 -25.28
O7 NAG E . -22.71 2.01 -21.38
CA CA F . -3.05 7.92 -6.16
I IOD G . 14.91 18.65 7.28
I IOD H . 4.86 7.66 19.08
I IOD I . 27.20 -1.68 -6.59
I IOD J . -16.78 -3.36 -1.50
I IOD K . -19.88 -27.83 -0.76
N NO3 L . 6.41 -23.33 12.03
O1 NO3 L . 7.49 -23.24 12.53
O2 NO3 L . 6.43 -23.27 10.63
O3 NO3 L . 5.23 -23.42 12.84
N NO3 M . -13.51 13.25 -21.71
O1 NO3 M . -12.59 14.02 -21.57
O2 NO3 M . -13.33 12.16 -22.54
O3 NO3 M . -14.73 13.49 -21.10
N NO3 N . -5.79 -19.07 20.66
O1 NO3 N . -5.26 -19.85 20.15
O2 NO3 N . -7.11 -18.81 20.57
O3 NO3 N . -5.06 -18.37 21.20
N NO3 O . 12.39 -3.65 19.47
O1 NO3 O . 12.75 -4.77 19.56
O2 NO3 O . 13.07 -2.67 18.71
O3 NO3 O . 11.26 -3.26 20.16
CHA HEM P . -2.52 -1.61 5.66
CHB HEM P . 1.72 -2.38 7.76
CHC HEM P . 3.42 -4.38 3.71
CHD HEM P . -0.84 -3.42 1.56
C1A HEM P . -1.53 -1.72 6.56
C2A HEM P . -1.66 -1.16 7.86
C3A HEM P . -0.46 -1.39 8.45
C4A HEM P . 0.39 -2.06 7.52
CMA HEM P . -0.14 -0.97 9.83
CAA HEM P . -2.87 -0.47 8.49
CBA HEM P . -3.73 -1.56 9.09
CGA HEM P . -5.13 -1.25 9.61
O1A HEM P . -5.30 -0.60 10.65
O2A HEM P . -6.18 -1.75 9.09
C1B HEM P . 2.60 -2.97 6.82
C2B HEM P . 3.98 -3.26 7.09
C3B HEM P . 4.49 -3.83 5.94
C4B HEM P . 3.34 -3.86 4.99
CMB HEM P . 4.73 -2.96 8.36
CAB HEM P . 5.84 -4.35 5.61
CBB HEM P . 6.85 -4.43 6.48
C1C HEM P . 2.38 -4.26 2.76
C2C HEM P . 2.49 -4.74 1.46
C3C HEM P . 1.30 -4.47 0.80
C4C HEM P . 0.43 -3.88 1.79
CMC HEM P . 3.76 -5.37 0.94
CAC HEM P . 0.92 -4.82 -0.57
CBC HEM P . 1.61 -5.66 -1.38
C1D HEM P . -1.63 -2.80 2.55
C2D HEM P . -2.93 -2.25 2.23
C3D HEM P . -3.38 -1.74 3.38
C4D HEM P . -2.32 -2.01 4.38
CMD HEM P . -3.65 -2.22 0.90
CAD HEM P . -4.69 -1.02 3.64
CBD HEM P . -4.36 0.49 3.40
CGD HEM P . -5.56 1.39 3.35
O1D HEM P . -6.34 1.45 2.31
O2D HEM P . -5.78 2.11 4.37
NA HEM P . -0.29 -2.25 6.36
NB HEM P . 2.27 -3.38 5.59
NC HEM P . 1.13 -3.82 2.96
ND HEM P . -1.32 -2.69 3.88
FE HEM P . 0.39 -3.06 4.69
S SCN Q . 23.17 -10.19 4.93
C SCN Q . 23.60 -10.90 3.68
N SCN Q . 23.90 -11.43 2.66
S SCN R . 3.72 -13.26 21.80
C SCN R . 3.12 -14.52 21.27
N SCN R . 2.59 -15.45 20.84
S SCN S . 1.18 1.29 6.70
C SCN S . 0.91 2.04 7.95
N SCN S . 0.77 2.65 8.95
S SCN T . 0.38 19.19 5.96
C SCN T . 0.24 20.51 5.45
N SCN T . 0.09 21.61 5.08
I IOD U . 1.61 -0.35 -19.34
#